data_1R68
# 
_entry.id   1R68 
# 
_audit_conform.dict_name       mmcif_pdbx.dic 
_audit_conform.dict_version    5.386 
_audit_conform.dict_location   http://mmcif.pdb.org/dictionaries/ascii/mmcif_pdbx.dic 
# 
loop_
_database_2.database_id 
_database_2.database_code 
_database_2.pdbx_database_accession 
_database_2.pdbx_DOI 
PDB   1R68         pdb_00001r68 10.2210/pdb1r68/pdb 
NDB   DD0061       ?            ?                   
RCSB  RCSB020487   ?            ?                   
WWPDB D_1000020487 ?            ?                   
# 
loop_
_pdbx_audit_revision_history.ordinal 
_pdbx_audit_revision_history.data_content_type 
_pdbx_audit_revision_history.major_revision 
_pdbx_audit_revision_history.minor_revision 
_pdbx_audit_revision_history.revision_date 
1 'Structure model' 1 0 2005-02-22 
2 'Structure model' 1 1 2008-04-29 
3 'Structure model' 1 2 2011-07-13 
4 'Structure model' 1 3 2024-02-14 
# 
_pdbx_audit_revision_details.ordinal             1 
_pdbx_audit_revision_details.revision_ordinal    1 
_pdbx_audit_revision_details.data_content_type   'Structure model' 
_pdbx_audit_revision_details.provider            repository 
_pdbx_audit_revision_details.type                'Initial release' 
_pdbx_audit_revision_details.description         ? 
_pdbx_audit_revision_details.details             ? 
# 
loop_
_pdbx_audit_revision_group.ordinal 
_pdbx_audit_revision_group.revision_ordinal 
_pdbx_audit_revision_group.data_content_type 
_pdbx_audit_revision_group.group 
1 2 'Structure model' 'Version format compliance' 
2 3 'Structure model' 'Version format compliance' 
3 4 'Structure model' 'Data collection'           
4 4 'Structure model' 'Database references'       
5 4 'Structure model' 'Derived calculations'      
6 4 'Structure model' 'Structure summary'         
# 
loop_
_pdbx_audit_revision_category.ordinal 
_pdbx_audit_revision_category.revision_ordinal 
_pdbx_audit_revision_category.data_content_type 
_pdbx_audit_revision_category.category 
1 4 'Structure model' chem_comp      
2 4 'Structure model' chem_comp_atom 
3 4 'Structure model' chem_comp_bond 
4 4 'Structure model' database_2     
5 4 'Structure model' struct_site    
# 
loop_
_pdbx_audit_revision_item.ordinal 
_pdbx_audit_revision_item.revision_ordinal 
_pdbx_audit_revision_item.data_content_type 
_pdbx_audit_revision_item.item 
1 4 'Structure model' '_chem_comp.pdbx_synonyms'            
2 4 'Structure model' '_database_2.pdbx_DOI'                
3 4 'Structure model' '_database_2.pdbx_database_accession' 
4 4 'Structure model' '_struct_site.pdbx_auth_asym_id'      
5 4 'Structure model' '_struct_site.pdbx_auth_comp_id'      
6 4 'Structure model' '_struct_site.pdbx_auth_seq_id'       
# 
_pdbx_database_status.status_code                     REL 
_pdbx_database_status.entry_id                        1R68 
_pdbx_database_status.recvd_initial_deposition_date   2003-10-15 
_pdbx_database_status.deposit_site                    RCSB 
_pdbx_database_status.process_site                    RCSB 
_pdbx_database_status.status_code_sf                  REL 
_pdbx_database_status.status_code_mr                  ? 
_pdbx_database_status.SG_entry                        ? 
_pdbx_database_status.pdb_format_compatible           Y 
_pdbx_database_status.status_code_cs                  ? 
_pdbx_database_status.status_code_nmr_data            ? 
_pdbx_database_status.methods_development_category    ? 
# 
loop_
_audit_author.name 
_audit_author.pdbx_ordinal 
'Temperini, C.' 1 
'Cirilli, M.'   2 
'Aschi, M.'     3 
'Ughetto, G.'   4 
# 
loop_
_citation.id 
_citation.title 
_citation.journal_abbrev 
_citation.journal_volume 
_citation.page_first 
_citation.page_last 
_citation.year 
_citation.journal_id_ASTM 
_citation.country 
_citation.journal_id_ISSN 
_citation.journal_id_CSD 
_citation.book_publisher 
_citation.pdbx_database_id_PubMed 
_citation.pdbx_database_id_DOI 
primary 'Role of the amino sugar in DNA binding of disaccharide anthracyclines: crystal structure of the complex MAR70/d(CGATCG).' 
BIOORG.MED.CHEM.     13 1673 1679 2005 BMECEP UK 0968-0896 1200 ? 15698785 10.1016/j.bmc.2004.12.007 
1       
;The crystal structure of the complex between a disaccharide anthracycline and the DNA hexamer d(CGATCG) reveals two different binding sites involving two DNA duplexes
;
'Nucleic Acids Res.' 31 1464 1469 2003 NARHAD UK 0305-1048 0389 ? ?        10.1093/nar/gkg245        
# 
loop_
_citation_author.citation_id 
_citation_author.name 
_citation_author.ordinal 
_citation_author.identifier_ORCID 
primary 'Temperini, C.' 1  ? 
primary 'Cirilli, M.'   2  ? 
primary 'Aschi, M.'     3  ? 
primary 'Ughetto, G.'   4  ? 
1       'Temperini, C.' 5  ? 
1       'Messori, L.'   6  ? 
1       'Orioli, P.'    7  ? 
1       'Di Bugno, C.'  8  ? 
1       'Animati, F.'   9  ? 
1       'Ughetto, G.'   10 ? 
# 
loop_
_entity.id 
_entity.type 
_entity.src_method 
_entity.pdbx_description 
_entity.formula_weight 
_entity.pdbx_number_of_molecules 
_entity.pdbx_ec 
_entity.pdbx_mutation 
_entity.pdbx_fragment 
_entity.details 
1 polymer     syn "5'-D(*CP*GP*AP*TP*CP*G)-3'"          1809.217 1  ? ? ? ? 
2 non-polymer syn "4'-EPI-4'-(2-DEOXYFUCOSE)DAUNOMYCIN" 657.662  1  ? ? ? ? 
3 water       nat water                                 18.015   21 ? ? ? ? 
# 
_entity_poly.entity_id                      1 
_entity_poly.type                           polydeoxyribonucleotide 
_entity_poly.nstd_linkage                   no 
_entity_poly.nstd_monomer                   no 
_entity_poly.pdbx_seq_one_letter_code       '(DC)(DG)(DA)(DT)(DC)(DG)' 
_entity_poly.pdbx_seq_one_letter_code_can   CGATCG 
_entity_poly.pdbx_strand_id                 A 
_entity_poly.pdbx_target_identifier         ? 
# 
loop_
_pdbx_entity_nonpoly.entity_id 
_pdbx_entity_nonpoly.name 
_pdbx_entity_nonpoly.comp_id 
2 "4'-EPI-4'-(2-DEOXYFUCOSE)DAUNOMYCIN" MAR 
3 water                                 HOH 
# 
loop_
_entity_poly_seq.entity_id 
_entity_poly_seq.num 
_entity_poly_seq.mon_id 
_entity_poly_seq.hetero 
1 1 DC n 
1 2 DG n 
1 3 DA n 
1 4 DT n 
1 5 DC n 
1 6 DG n 
# 
loop_
_chem_comp.id 
_chem_comp.type 
_chem_comp.mon_nstd_flag 
_chem_comp.name 
_chem_comp.pdbx_synonyms 
_chem_comp.formula 
_chem_comp.formula_weight 
DA  'DNA linking' y "2'-DEOXYADENOSINE-5'-MONOPHOSPHATE"  ?                              'C10 H14 N5 O6 P' 331.222 
DC  'DNA linking' y "2'-DEOXYCYTIDINE-5'-MONOPHOSPHATE"   ?                              'C9 H14 N3 O7 P'  307.197 
DG  'DNA linking' y "2'-DEOXYGUANOSINE-5'-MONOPHOSPHATE"  ?                              'C10 H14 N5 O7 P' 347.221 
DT  'DNA linking' y "THYMIDINE-5'-MONOPHOSPHATE"          ?                              'C10 H15 N2 O8 P' 322.208 
HOH non-polymer   . WATER                                 ?                              'H2 O'            18.015  
MAR non-polymer   . "4'-EPI-4'-(2-DEOXYFUCOSE)DAUNOMYCIN" 'MAR70; DAUNOMYCIN DERIVATIVE' 'C33 H39 N O13'   657.662 
# 
loop_
_pdbx_poly_seq_scheme.asym_id 
_pdbx_poly_seq_scheme.entity_id 
_pdbx_poly_seq_scheme.seq_id 
_pdbx_poly_seq_scheme.mon_id 
_pdbx_poly_seq_scheme.ndb_seq_num 
_pdbx_poly_seq_scheme.pdb_seq_num 
_pdbx_poly_seq_scheme.auth_seq_num 
_pdbx_poly_seq_scheme.pdb_mon_id 
_pdbx_poly_seq_scheme.auth_mon_id 
_pdbx_poly_seq_scheme.pdb_strand_id 
_pdbx_poly_seq_scheme.pdb_ins_code 
_pdbx_poly_seq_scheme.hetero 
A 1 1 DC 1 1 1 DC CYT A . n 
A 1 2 DG 2 2 2 DG GUA A . n 
A 1 3 DA 3 3 3 DA ADE A . n 
A 1 4 DT 4 4 4 DT THY A . n 
A 1 5 DC 5 5 5 DC CYT A . n 
A 1 6 DG 6 6 6 DG GUA A . n 
# 
loop_
_pdbx_nonpoly_scheme.asym_id 
_pdbx_nonpoly_scheme.entity_id 
_pdbx_nonpoly_scheme.mon_id 
_pdbx_nonpoly_scheme.ndb_seq_num 
_pdbx_nonpoly_scheme.pdb_seq_num 
_pdbx_nonpoly_scheme.auth_seq_num 
_pdbx_nonpoly_scheme.pdb_mon_id 
_pdbx_nonpoly_scheme.auth_mon_id 
_pdbx_nonpoly_scheme.pdb_strand_id 
_pdbx_nonpoly_scheme.pdb_ins_code 
B 2 MAR 1  7    7    MAR M70 A . 
C 3 HOH 1  2001 2001 HOH HOH A . 
C 3 HOH 2  2002 2002 HOH HOH A . 
C 3 HOH 3  2003 2003 HOH HOH A . 
C 3 HOH 4  2004 2004 HOH HOH A . 
C 3 HOH 5  2005 2005 HOH HOH A . 
C 3 HOH 6  2006 2006 HOH HOH A . 
C 3 HOH 7  2007 2007 HOH HOH A . 
C 3 HOH 8  2008 2008 HOH HOH A . 
C 3 HOH 9  2009 2009 HOH HOH A . 
C 3 HOH 10 2010 2010 HOH HOH A . 
C 3 HOH 11 2011 2011 HOH HOH A . 
C 3 HOH 12 2012 2012 HOH HOH A . 
C 3 HOH 13 2013 2013 HOH HOH A . 
C 3 HOH 14 2014 2014 HOH HOH A . 
C 3 HOH 15 2015 2015 HOH HOH A . 
C 3 HOH 16 2016 2016 HOH HOH A . 
C 3 HOH 17 2017 2017 HOH HOH A . 
C 3 HOH 18 2018 2018 HOH HOH A . 
C 3 HOH 19 2019 2019 HOH HOH A . 
C 3 HOH 20 2020 2020 HOH HOH A . 
C 3 HOH 21 2021 2021 HOH HOH A . 
# 
loop_
_software.name 
_software.classification 
_software.version 
_software.citation_id 
_software.pdbx_ordinal 
TEXAN     'data collection' . ? 1 
TEXAN     'data reduction'  . ? 2 
AMoRE     phasing           . ? 3 
SHELXL-97 refinement        . ? 4 
TEXSAN    'data reduction'  . ? 5 
TEXSAN    'data scaling'    . ? 6 
# 
_cell.entry_id           1R68 
_cell.length_a           28.190 
_cell.length_b           28.190 
_cell.length_c           53.250 
_cell.angle_alpha        90.00 
_cell.angle_beta         90.00 
_cell.angle_gamma        90.00 
_cell.Z_PDB              8 
_cell.pdbx_unique_axis   ? 
# 
_symmetry.entry_id                         1R68 
_symmetry.space_group_name_H-M             'P 41 21 2' 
_symmetry.pdbx_full_space_group_name_H-M   ? 
_symmetry.Int_Tables_number                92 
_symmetry.cell_setting                     ? 
_symmetry.space_group_name_Hall            ? 
# 
_exptl.entry_id          1R68 
_exptl.method            'X-RAY DIFFRACTION' 
_exptl.crystals_number   1 
# 
_exptl_crystal.id                    1 
_exptl_crystal.density_meas          ? 
_exptl_crystal.density_percent_sol   57.93 
_exptl_crystal.description           ? 
_exptl_crystal.density_Matthews      2.92 
_exptl_crystal.F_000                 ? 
_exptl_crystal.preparation           ? 
# 
_exptl_crystal_grow.crystal_id      1 
_exptl_crystal_grow.method          ? 
_exptl_crystal_grow.temp            298 
_exptl_crystal_grow.temp_details    ? 
_exptl_crystal_grow.pH              6.00 
_exptl_crystal_grow.pdbx_details    
'Magnesium chloride, cacodylate, spermine, MPD, pH 6.0, VAPOR DIFFUSION, SITTING DROP, temperature 298K, pH 6.00' 
_exptl_crystal_grow.pdbx_pH_range   . 
# 
loop_
_exptl_crystal_grow_comp.crystal_id 
_exptl_crystal_grow_comp.id 
_exptl_crystal_grow_comp.sol_id 
_exptl_crystal_grow_comp.name 
_exptl_crystal_grow_comp.volume 
_exptl_crystal_grow_comp.conc 
_exptl_crystal_grow_comp.details 
1 1  1 'Magnesium chloride' ? ? ? 
1 2  1 cacodylate           ? ? ? 
1 3  1 spermine             ? ? ? 
1 4  1 MPD                  ? ? ? 
1 5  1 H2O                  ? ? ? 
1 6  2 'Magnesium chloride' ? ? ? 
1 7  2 cacodylate           ? ? ? 
1 8  2 spermine             ? ? ? 
1 9  2 MPD                  ? ? ? 
1 10 2 H2O                  ? ? ? 
# 
_diffrn.id                     1 
_diffrn.ambient_temp           298.0 
_diffrn.ambient_temp_details   ? 
_diffrn.crystal_id             1 
# 
_diffrn_detector.diffrn_id              1 
_diffrn_detector.detector               DIFFRACTOMETER 
_diffrn_detector.type                   'RIGAKU AFC-5R' 
_diffrn_detector.pdbx_collection_date   2003-02-15 
_diffrn_detector.details                ? 
# 
_diffrn_radiation.diffrn_id                        1 
_diffrn_radiation.wavelength_id                    1 
_diffrn_radiation.pdbx_monochromatic_or_laue_m_l   M 
_diffrn_radiation.monochromator                    GRAPHITE 
_diffrn_radiation.pdbx_diffrn_protocol             'SINGLE WAVELENGTH' 
_diffrn_radiation.pdbx_scattering_type             x-ray 
# 
_diffrn_radiation_wavelength.id           1 
_diffrn_radiation_wavelength.wavelength   1.54 
_diffrn_radiation_wavelength.wt           1.0 
# 
_diffrn_source.diffrn_id                   1 
_diffrn_source.source                      'ROTATING ANODE' 
_diffrn_source.type                        'RIGAKU RU200' 
_diffrn_source.pdbx_synchrotron_site       ? 
_diffrn_source.pdbx_synchrotron_beamline   ? 
_diffrn_source.pdbx_wavelength             1.54 
_diffrn_source.pdbx_wavelength_list        ? 
# 
_reflns.entry_id                     1R68 
_reflns.observed_criterion_sigma_I   ? 
_reflns.observed_criterion_sigma_F   ? 
_reflns.d_resolution_low             15.000 
_reflns.d_resolution_high            1.200 
_reflns.number_obs                   6369 
_reflns.number_all                   ? 
_reflns.percent_possible_obs         97.8 
_reflns.pdbx_Rmerge_I_obs            0.114 
_reflns.pdbx_Rsym_value              ? 
_reflns.pdbx_netI_over_sigmaI        4.300 
_reflns.B_iso_Wilson_estimate        15.34 
_reflns.pdbx_redundancy              ? 
_reflns.R_free_details               ? 
_reflns.pdbx_chi_squared             ? 
_reflns.pdbx_scaling_rejects         ? 
_reflns.pdbx_diffrn_id               1 
_reflns.pdbx_ordinal                 1 
# 
_reflns_shell.d_res_high             1.20 
_reflns_shell.d_res_low              1.30 
_reflns_shell.percent_possible_all   87.0 
_reflns_shell.Rmerge_I_obs           ? 
_reflns_shell.pdbx_Rsym_value        ? 
_reflns_shell.meanI_over_sigI_obs    ? 
_reflns_shell.pdbx_redundancy        ? 
_reflns_shell.percent_possible_obs   ? 
_reflns_shell.number_unique_all      ? 
_reflns_shell.number_measured_all    ? 
_reflns_shell.number_measured_obs    ? 
_reflns_shell.number_unique_obs      ? 
_reflns_shell.pdbx_chi_squared       ? 
_reflns_shell.pdbx_diffrn_id         ? 
_reflns_shell.pdbx_ordinal           1 
# 
_refine.entry_id                                 1R68 
_refine.ls_number_reflns_obs                     ? 
_refine.ls_number_reflns_all                     ? 
_refine.pdbx_ls_sigma_I                          ? 
_refine.pdbx_ls_sigma_F                          4.000 
_refine.pdbx_data_cutoff_high_absF               ? 
_refine.pdbx_data_cutoff_low_absF                ? 
_refine.pdbx_data_cutoff_high_rms_absF           ? 
_refine.ls_d_res_low                             10.00 
_refine.ls_d_res_high                            1.20 
_refine.ls_percent_reflns_obs                    97.8 
_refine.ls_R_factor_obs                          ? 
_refine.ls_R_factor_all                          ? 
_refine.ls_R_factor_R_work                       ? 
_refine.ls_R_factor_R_free                       ? 
_refine.ls_R_factor_R_free_error                 ? 
_refine.ls_R_factor_R_free_error_details         ? 
_refine.ls_percent_reflns_R_free                 ? 
_refine.ls_number_reflns_R_free                  ? 
_refine.ls_number_parameters                     ? 
_refine.ls_number_restraints                     ? 
_refine.occupancy_min                            ? 
_refine.occupancy_max                            ? 
_refine.correlation_coeff_Fo_to_Fc               ? 
_refine.correlation_coeff_Fo_to_Fc_free          ? 
_refine.B_iso_mean                               ? 
_refine.aniso_B[1][1]                            ? 
_refine.aniso_B[2][2]                            ? 
_refine.aniso_B[3][3]                            ? 
_refine.aniso_B[1][2]                            ? 
_refine.aniso_B[1][3]                            ? 
_refine.aniso_B[2][3]                            ? 
_refine.solvent_model_details                    ? 
_refine.solvent_model_param_ksol                 ? 
_refine.solvent_model_param_bsol                 ? 
_refine.pdbx_solvent_vdw_probe_radii             ? 
_refine.pdbx_solvent_ion_probe_radii             ? 
_refine.pdbx_solvent_shrinkage_radii             ? 
_refine.pdbx_ls_cross_valid_method               ? 
_refine.details                                  ? 
_refine.pdbx_starting_model                      ? 
_refine.pdbx_method_to_determine_struct          'MOLECULAR REPLACEMENT' 
_refine.pdbx_isotropic_thermal_model             ? 
_refine.pdbx_stereochemistry_target_values       ? 
_refine.pdbx_stereochem_target_val_spec_case     ? 
_refine.pdbx_R_Free_selection_details            RANDOM 
_refine.pdbx_overall_ESU_R                       ? 
_refine.pdbx_overall_ESU_R_Free                  ? 
_refine.overall_SU_ML                            ? 
_refine.overall_SU_B                             ? 
_refine.ls_redundancy_reflns_obs                 ? 
_refine.overall_SU_R_Cruickshank_DPI             ? 
_refine.overall_SU_R_free                        ? 
_refine.ls_wR_factor_R_free                      ? 
_refine.ls_wR_factor_R_work                      ? 
_refine.overall_FOM_free_R_set                   ? 
_refine.overall_FOM_work_R_set                   ? 
_refine.pdbx_refine_id                           'X-RAY DIFFRACTION' 
_refine.pdbx_diffrn_id                           1 
_refine.pdbx_TLS_residual_ADP_flag               ? 
_refine.pdbx_overall_phase_error                 ? 
_refine.pdbx_overall_SU_R_free_Cruickshank_DPI   ? 
_refine.pdbx_overall_SU_R_Blow_DPI               ? 
_refine.pdbx_overall_SU_R_free_Blow_DPI          ? 
# 
_refine_hist.pdbx_refine_id                   'X-RAY DIFFRACTION' 
_refine_hist.cycle_id                         LAST 
_refine_hist.pdbx_number_atoms_protein        0 
_refine_hist.pdbx_number_atoms_nucleic_acid   120 
_refine_hist.pdbx_number_atoms_ligand         47 
_refine_hist.number_atoms_solvent             21 
_refine_hist.number_atoms_total               188 
_refine_hist.d_res_high                       1.20 
_refine_hist.d_res_low                        10.00 
# 
loop_
_refine_ls_restr.type 
_refine_ls_restr.dev_ideal 
_refine_ls_restr.dev_ideal_target 
_refine_ls_restr.weight 
_refine_ls_restr.number 
_refine_ls_restr.pdbx_refine_id 
_refine_ls_restr.pdbx_restraint_function 
s_bond_d               0.017 ? ? ? 'X-RAY DIFFRACTION' ? 
s_angle_d              ?     ? ? ? 'X-RAY DIFFRACTION' ? 
s_similar_dist         ?     ? ? ? 'X-RAY DIFFRACTION' ? 
s_from_restr_planes    ?     ? ? ? 'X-RAY DIFFRACTION' ? 
s_zero_chiral_vol      ?     ? ? ? 'X-RAY DIFFRACTION' ? 
s_non_zero_chiral_vol  ?     ? ? ? 'X-RAY DIFFRACTION' ? 
s_anti_bump_dis_restr  ?     ? ? ? 'X-RAY DIFFRACTION' ? 
s_rigid_bond_adp_cmpnt ?     ? ? ? 'X-RAY DIFFRACTION' ? 
s_similar_adp_cmpnt    ?     ? ? ? 'X-RAY DIFFRACTION' ? 
s_approx_iso_adps      ?     ? ? ? 'X-RAY DIFFRACTION' ? 
# 
_pdbx_refine.entry_id                                    1R68 
_pdbx_refine.R_factor_all_no_cutoff                      ? 
_pdbx_refine.R_factor_obs_no_cutoff                      ? 
_pdbx_refine.free_R_factor_no_cutoff                     ? 
_pdbx_refine.free_R_val_test_set_size_perc_no_cutoff     ? 
_pdbx_refine.free_R_val_test_set_ct_no_cutoff            ? 
_pdbx_refine.R_factor_all_4sig_cutoff                    0.19 
_pdbx_refine.R_factor_obs_4sig_cutoff                    0.183 
_pdbx_refine.free_R_factor_4sig_cutoff                   0.2 
_pdbx_refine.free_R_val_test_set_size_perc_4sig_cutoff   ? 
_pdbx_refine.free_R_val_test_set_ct_4sig_cutoff          106 
_pdbx_refine.number_reflns_obs_4sig_cutoff               2209 
_pdbx_refine.number_reflns_obs_no_cutoff                 ? 
_pdbx_refine.pdbx_refine_id                              'X-RAY DIFFRACTION' 
_pdbx_refine.free_R_error_no_cutoff                      ? 
# 
_struct.entry_id                  1R68 
_struct.title                     
'Role of the amino sugar in DNA binding of disaccharide anthracyclines: crystal structure of MAR70/d(CGATCG) complex' 
_struct.pdbx_model_details        ? 
_struct.pdbx_CASP_flag            ? 
_struct.pdbx_model_type_details   ? 
# 
_struct_keywords.entry_id        1R68 
_struct_keywords.pdbx_keywords   DNA 
_struct_keywords.text            'right handed DNA, double helix, drug-DNA complex, DNA' 
# 
loop_
_struct_asym.id 
_struct_asym.pdbx_blank_PDB_chainid_flag 
_struct_asym.pdbx_modified 
_struct_asym.entity_id 
_struct_asym.details 
A N N 1 ? 
B N N 2 ? 
C N N 3 ? 
# 
_struct_ref.id                         1 
_struct_ref.entity_id                  1 
_struct_ref.db_name                    PDB 
_struct_ref.db_code                    1R68 
_struct_ref.pdbx_db_accession          1R68 
_struct_ref.pdbx_db_isoform            ? 
_struct_ref.pdbx_seq_one_letter_code   ? 
_struct_ref.pdbx_align_begin           ? 
# 
_struct_ref_seq.align_id                      1 
_struct_ref_seq.ref_id                        1 
_struct_ref_seq.pdbx_PDB_id_code              1R68 
_struct_ref_seq.pdbx_strand_id                A 
_struct_ref_seq.seq_align_beg                 1 
_struct_ref_seq.pdbx_seq_align_beg_ins_code   ? 
_struct_ref_seq.seq_align_end                 6 
_struct_ref_seq.pdbx_seq_align_end_ins_code   ? 
_struct_ref_seq.pdbx_db_accession             1R68 
_struct_ref_seq.db_align_beg                  1 
_struct_ref_seq.pdbx_db_align_beg_ins_code    ? 
_struct_ref_seq.db_align_end                  6 
_struct_ref_seq.pdbx_db_align_end_ins_code    ? 
_struct_ref_seq.pdbx_auth_seq_align_beg       1 
_struct_ref_seq.pdbx_auth_seq_align_end       6 
# 
_pdbx_struct_assembly.id                   1 
_pdbx_struct_assembly.details              author_defined_assembly 
_pdbx_struct_assembly.method_details       ? 
_pdbx_struct_assembly.oligomeric_details   dimeric 
_pdbx_struct_assembly.oligomeric_count     2 
# 
_pdbx_struct_assembly_gen.assembly_id       1 
_pdbx_struct_assembly_gen.oper_expression   1,2 
_pdbx_struct_assembly_gen.asym_id_list      A,B,C 
# 
loop_
_pdbx_struct_oper_list.id 
_pdbx_struct_oper_list.type 
_pdbx_struct_oper_list.name 
_pdbx_struct_oper_list.symmetry_operation 
_pdbx_struct_oper_list.matrix[1][1] 
_pdbx_struct_oper_list.matrix[1][2] 
_pdbx_struct_oper_list.matrix[1][3] 
_pdbx_struct_oper_list.vector[1] 
_pdbx_struct_oper_list.matrix[2][1] 
_pdbx_struct_oper_list.matrix[2][2] 
_pdbx_struct_oper_list.matrix[2][3] 
_pdbx_struct_oper_list.vector[2] 
_pdbx_struct_oper_list.matrix[3][1] 
_pdbx_struct_oper_list.matrix[3][2] 
_pdbx_struct_oper_list.matrix[3][3] 
_pdbx_struct_oper_list.vector[3] 
1 'identity operation'         1_555 x,y,z            1.0000000000  0.0000000000 0.0000000000  0.0000000000 0.0000000000 1.0000000000 0.0000000000  0.0000000000  0.0000000000  0.0000000000  1.0000000000  0.0000000000  
2 'crystal symmetry operation' 8_665 -y+1,-x+1,-z+1/2 -0.8949697323 0.3311769612 -0.2989163740 1.9395431372 0.3311769612 0.0442530714 -0.9425303635 -3.7810488419 -0.2989163740 -0.9425303635 -0.1492833391 -3.5076216027 
# 
_struct_biol.id                    1 
_struct_biol.pdbx_parent_biol_id   ? 
_struct_biol.details               ? 
# 
loop_
_struct_conn.id 
_struct_conn.conn_type_id 
_struct_conn.pdbx_leaving_atom_flag 
_struct_conn.pdbx_PDB_id 
_struct_conn.ptnr1_label_asym_id 
_struct_conn.ptnr1_label_comp_id 
_struct_conn.ptnr1_label_seq_id 
_struct_conn.ptnr1_label_atom_id 
_struct_conn.pdbx_ptnr1_label_alt_id 
_struct_conn.pdbx_ptnr1_PDB_ins_code 
_struct_conn.pdbx_ptnr1_standard_comp_id 
_struct_conn.ptnr1_symmetry 
_struct_conn.ptnr2_label_asym_id 
_struct_conn.ptnr2_label_comp_id 
_struct_conn.ptnr2_label_seq_id 
_struct_conn.ptnr2_label_atom_id 
_struct_conn.pdbx_ptnr2_label_alt_id 
_struct_conn.pdbx_ptnr2_PDB_ins_code 
_struct_conn.ptnr1_auth_asym_id 
_struct_conn.ptnr1_auth_comp_id 
_struct_conn.ptnr1_auth_seq_id 
_struct_conn.ptnr2_auth_asym_id 
_struct_conn.ptnr2_auth_comp_id 
_struct_conn.ptnr2_auth_seq_id 
_struct_conn.ptnr2_symmetry 
_struct_conn.pdbx_ptnr3_label_atom_id 
_struct_conn.pdbx_ptnr3_label_seq_id 
_struct_conn.pdbx_ptnr3_label_comp_id 
_struct_conn.pdbx_ptnr3_label_asym_id 
_struct_conn.pdbx_ptnr3_label_alt_id 
_struct_conn.pdbx_ptnr3_PDB_ins_code 
_struct_conn.details 
_struct_conn.pdbx_dist_value 
_struct_conn.pdbx_value_order 
_struct_conn.pdbx_role 
hydrog1  hydrog ? ? A DC 1 N3 ? ? ? 1_555 A DG 6 N1 ? ? A DC 1 A DG 6 8_665 ? ? ? ? ? ? WATSON-CRICK ? ? ? 
hydrog2  hydrog ? ? A DC 1 N4 ? ? ? 1_555 A DG 6 O6 ? ? A DC 1 A DG 6 8_665 ? ? ? ? ? ? WATSON-CRICK ? ? ? 
hydrog3  hydrog ? ? A DC 1 O2 ? ? ? 1_555 A DG 6 N2 ? ? A DC 1 A DG 6 8_665 ? ? ? ? ? ? WATSON-CRICK ? ? ? 
hydrog4  hydrog ? ? A DG 2 N1 ? ? ? 1_555 A DC 5 N3 ? ? A DG 2 A DC 5 8_665 ? ? ? ? ? ? WATSON-CRICK ? ? ? 
hydrog5  hydrog ? ? A DG 2 N2 ? ? ? 1_555 A DC 5 O2 ? ? A DG 2 A DC 5 8_665 ? ? ? ? ? ? WATSON-CRICK ? ? ? 
hydrog6  hydrog ? ? A DG 2 O6 ? ? ? 1_555 A DC 5 N4 ? ? A DG 2 A DC 5 8_665 ? ? ? ? ? ? WATSON-CRICK ? ? ? 
hydrog7  hydrog ? ? A DA 3 N1 ? ? ? 1_555 A DT 4 N3 ? ? A DA 3 A DT 4 8_665 ? ? ? ? ? ? WATSON-CRICK ? ? ? 
hydrog8  hydrog ? ? A DA 3 N6 ? ? ? 1_555 A DT 4 O4 ? ? A DA 3 A DT 4 8_665 ? ? ? ? ? ? WATSON-CRICK ? ? ? 
hydrog9  hydrog ? ? A DT 4 N3 ? ? ? 1_555 A DA 3 N1 ? ? A DT 4 A DA 3 8_665 ? ? ? ? ? ? WATSON-CRICK ? ? ? 
hydrog10 hydrog ? ? A DT 4 O4 ? ? ? 1_555 A DA 3 N6 ? ? A DT 4 A DA 3 8_665 ? ? ? ? ? ? WATSON-CRICK ? ? ? 
hydrog11 hydrog ? ? A DC 5 N3 ? ? ? 1_555 A DG 2 N1 ? ? A DC 5 A DG 2 8_665 ? ? ? ? ? ? WATSON-CRICK ? ? ? 
hydrog12 hydrog ? ? A DC 5 N4 ? ? ? 1_555 A DG 2 O6 ? ? A DC 5 A DG 2 8_665 ? ? ? ? ? ? WATSON-CRICK ? ? ? 
hydrog13 hydrog ? ? A DC 5 O2 ? ? ? 1_555 A DG 2 N2 ? ? A DC 5 A DG 2 8_665 ? ? ? ? ? ? WATSON-CRICK ? ? ? 
hydrog14 hydrog ? ? A DG 6 N1 ? ? ? 1_555 A DC 1 N3 ? ? A DG 6 A DC 1 8_665 ? ? ? ? ? ? WATSON-CRICK ? ? ? 
hydrog15 hydrog ? ? A DG 6 N2 ? ? ? 1_555 A DC 1 O2 ? ? A DG 6 A DC 1 8_665 ? ? ? ? ? ? WATSON-CRICK ? ? ? 
hydrog16 hydrog ? ? A DG 6 O6 ? ? ? 1_555 A DC 1 N4 ? ? A DG 6 A DC 1 8_665 ? ? ? ? ? ? WATSON-CRICK ? ? ? 
# 
_struct_conn_type.id          hydrog 
_struct_conn_type.criteria    ? 
_struct_conn_type.reference   ? 
# 
loop_
_struct_site.id 
_struct_site.pdbx_evidence_code 
_struct_site.pdbx_auth_asym_id 
_struct_site.pdbx_auth_comp_id 
_struct_site.pdbx_auth_seq_id 
_struct_site.pdbx_auth_ins_code 
_struct_site.pdbx_num_residues 
_struct_site.details 
AC1 Software A MAR 7 ? 11 'BINDING SITE FOR RESIDUE MAR A 7' 
1   ?        ? ?   ? ? ?  ?                                  
# 
loop_
_struct_site_gen.id 
_struct_site_gen.site_id 
_struct_site_gen.pdbx_num_res 
_struct_site_gen.label_comp_id 
_struct_site_gen.label_asym_id 
_struct_site_gen.label_seq_id 
_struct_site_gen.pdbx_auth_ins_code 
_struct_site_gen.auth_comp_id 
_struct_site_gen.auth_asym_id 
_struct_site_gen.auth_seq_id 
_struct_site_gen.label_atom_id 
_struct_site_gen.label_alt_id 
_struct_site_gen.symmetry 
_struct_site_gen.details 
1  AC1 11 DC  A 1 ? DC  A 1    . ? 8_665 ? 
2  AC1 11 DG  A 2 ? DG  A 2    . ? 8_665 ? 
3  AC1 11 DA  A 3 ? DA  A 3    . ? 8_665 ? 
4  AC1 11 DT  A 4 ? DT  A 4    . ? 1_555 ? 
5  AC1 11 DC  A 5 ? DC  A 5    . ? 1_555 ? 
6  AC1 11 DG  A 6 ? DG  A 6    . ? 1_555 ? 
7  AC1 11 HOH C . ? HOH A 2001 . ? 1_555 ? 
8  AC1 11 HOH C . ? HOH A 2002 . ? 1_555 ? 
9  AC1 11 HOH C . ? HOH A 2003 . ? 1_555 ? 
10 AC1 11 HOH C . ? HOH A 2009 . ? 1_555 ? 
11 AC1 11 HOH C . ? HOH A 2010 . ? 8_665 ? 
# 
loop_
_pdbx_validate_rmsd_bond.id 
_pdbx_validate_rmsd_bond.PDB_model_num 
_pdbx_validate_rmsd_bond.auth_atom_id_1 
_pdbx_validate_rmsd_bond.auth_asym_id_1 
_pdbx_validate_rmsd_bond.auth_comp_id_1 
_pdbx_validate_rmsd_bond.auth_seq_id_1 
_pdbx_validate_rmsd_bond.PDB_ins_code_1 
_pdbx_validate_rmsd_bond.label_alt_id_1 
_pdbx_validate_rmsd_bond.auth_atom_id_2 
_pdbx_validate_rmsd_bond.auth_asym_id_2 
_pdbx_validate_rmsd_bond.auth_comp_id_2 
_pdbx_validate_rmsd_bond.auth_seq_id_2 
_pdbx_validate_rmsd_bond.PDB_ins_code_2 
_pdbx_validate_rmsd_bond.label_alt_id_2 
_pdbx_validate_rmsd_bond.bond_value 
_pdbx_validate_rmsd_bond.bond_target_value 
_pdbx_validate_rmsd_bond.bond_deviation 
_pdbx_validate_rmsd_bond.bond_standard_deviation 
_pdbx_validate_rmsd_bond.linker_flag 
1  1 C4    A DC 1 ? ? N4 A DC 1 ? ? 1.159 1.335 -0.176 0.009 N 
2  1 N1    A DC 1 ? ? C2 A DC 1 ? ? 1.605 1.397 0.208  0.010 N 
3  1 N1    A DC 1 ? ? C6 A DC 1 ? ? 1.311 1.367 -0.056 0.006 N 
4  1 C2    A DC 1 ? ? N3 A DC 1 ? ? 1.212 1.353 -0.141 0.008 N 
5  1 C4    A DC 1 ? ? C5 A DC 1 ? ? 1.651 1.425 0.226  0.008 N 
6  1 C2    A DG 2 ? ? N3 A DG 2 ? ? 1.438 1.323 0.115  0.008 N 
7  1 N3    A DG 2 ? ? C4 A DG 2 ? ? 1.438 1.350 0.088  0.007 N 
8  1 C6    A DG 2 ? ? N1 A DG 2 ? ? 1.493 1.391 0.102  0.007 N 
9  1 C5    A DG 2 ? ? N7 A DG 2 ? ? 1.218 1.388 -0.170 0.006 N 
10 1 N7    A DG 2 ? ? C8 A DG 2 ? ? 1.247 1.305 -0.058 0.006 N 
11 1 N9    A DG 2 ? ? C4 A DG 2 ? ? 1.450 1.375 0.075  0.008 N 
12 1 C6    A DG 2 ? ? O6 A DG 2 ? ? 1.381 1.237 0.144  0.009 N 
13 1 N1    A DA 3 ? ? C2 A DA 3 ? ? 1.473 1.339 0.134  0.009 N 
14 1 C2    A DA 3 ? ? N3 A DA 3 ? ? 1.231 1.331 -0.100 0.009 N 
15 1 N3    A DA 3 ? ? C4 A DA 3 ? ? 1.302 1.344 -0.042 0.006 N 
16 1 C4    A DA 3 ? ? C5 A DA 3 ? ? 1.109 1.383 -0.274 0.007 N 
17 1 C5    A DA 3 ? ? C6 A DA 3 ? ? 1.691 1.406 0.285  0.009 N 
18 1 N7    A DA 3 ? ? C8 A DA 3 ? ? 1.263 1.311 -0.048 0.007 N 
19 1 C8    A DA 3 ? ? N9 A DA 3 ? ? 1.466 1.373 0.093  0.008 N 
20 1 N9    A DA 3 ? ? C4 A DA 3 ? ? 1.329 1.374 -0.045 0.006 N 
21 1 C6    A DA 3 ? ? N6 A DA 3 ? ? 1.412 1.335 0.077  0.008 N 
22 1 "C1'" A DT 4 ? ? N1 A DT 4 ? ? 1.343 1.468 -0.125 0.014 N 
23 1 C2    A DT 4 ? ? N3 A DT 4 ? ? 1.259 1.373 -0.114 0.008 N 
24 1 N3    A DT 4 ? ? C4 A DT 4 ? ? 1.303 1.382 -0.079 0.008 N 
25 1 C4    A DT 4 ? ? C5 A DT 4 ? ? 1.511 1.445 0.066  0.009 N 
26 1 C6    A DT 4 ? ? N1 A DT 4 ? ? 1.290 1.378 -0.088 0.007 N 
27 1 C2    A DT 4 ? ? O2 A DT 4 ? ? 1.398 1.220 0.178  0.008 N 
28 1 C5    A DT 4 ? ? C7 A DT 4 ? ? 1.703 1.496 0.207  0.006 N 
29 1 "C1'" A DC 5 ? ? N1 A DC 5 ? ? 1.294 1.468 -0.174 0.014 N 
30 1 C2    A DC 5 ? ? O2 A DC 5 ? ? 1.460 1.240 0.220  0.009 N 
31 1 N1    A DC 5 ? ? C2 A DC 5 ? ? 1.335 1.397 -0.062 0.010 N 
32 1 C2    A DC 5 ? ? N3 A DC 5 ? ? 1.403 1.353 0.050  0.008 N 
33 1 N1    A DG 6 ? ? C2 A DG 6 ? ? 1.300 1.373 -0.073 0.008 N 
34 1 C2    A DG 6 ? ? N3 A DG 6 ? ? 1.503 1.323 0.180  0.008 N 
35 1 C4    A DG 6 ? ? C5 A DG 6 ? ? 0.972 1.379 -0.407 0.007 N 
36 1 C5    A DG 6 ? ? C6 A DG 6 ? ? 1.296 1.419 -0.123 0.010 N 
37 1 N7    A DG 6 ? ? C8 A DG 6 ? ? 1.420 1.305 0.115  0.006 N 
38 1 N9    A DG 6 ? ? C4 A DG 6 ? ? 1.592 1.375 0.217  0.008 N 
39 1 C2    A DG 6 ? ? N2 A DG 6 ? ? 1.420 1.341 0.079  0.010 N 
40 1 C6    A DG 6 ? ? O6 A DG 6 ? ? 1.398 1.237 0.161  0.009 N 
# 
loop_
_pdbx_validate_rmsd_angle.id 
_pdbx_validate_rmsd_angle.PDB_model_num 
_pdbx_validate_rmsd_angle.auth_atom_id_1 
_pdbx_validate_rmsd_angle.auth_asym_id_1 
_pdbx_validate_rmsd_angle.auth_comp_id_1 
_pdbx_validate_rmsd_angle.auth_seq_id_1 
_pdbx_validate_rmsd_angle.PDB_ins_code_1 
_pdbx_validate_rmsd_angle.label_alt_id_1 
_pdbx_validate_rmsd_angle.auth_atom_id_2 
_pdbx_validate_rmsd_angle.auth_asym_id_2 
_pdbx_validate_rmsd_angle.auth_comp_id_2 
_pdbx_validate_rmsd_angle.auth_seq_id_2 
_pdbx_validate_rmsd_angle.PDB_ins_code_2 
_pdbx_validate_rmsd_angle.label_alt_id_2 
_pdbx_validate_rmsd_angle.auth_atom_id_3 
_pdbx_validate_rmsd_angle.auth_asym_id_3 
_pdbx_validate_rmsd_angle.auth_comp_id_3 
_pdbx_validate_rmsd_angle.auth_seq_id_3 
_pdbx_validate_rmsd_angle.PDB_ins_code_3 
_pdbx_validate_rmsd_angle.label_alt_id_3 
_pdbx_validate_rmsd_angle.angle_value 
_pdbx_validate_rmsd_angle.angle_target_value 
_pdbx_validate_rmsd_angle.angle_deviation 
_pdbx_validate_rmsd_angle.angle_standard_deviation 
_pdbx_validate_rmsd_angle.linker_flag 
1  1 N1    A DC 1 ? ? C2    A DC 1 ? ? N3    A DC 1 ? ? 110.10 119.20 -9.10  0.70 N 
2  1 C2    A DC 1 ? ? N3    A DC 1 ? ? C4    A DC 1 ? ? 143.47 119.90 23.57  0.50 N 
3  1 N3    A DC 1 ? ? C4    A DC 1 ? ? C5    A DC 1 ? ? 102.67 121.90 -19.23 0.40 N 
4  1 C4    A DC 1 ? ? C5    A DC 1 ? ? C6    A DC 1 ? ? 123.40 117.40 6.00   0.50 N 
5  1 N1    A DC 1 ? ? C2    A DC 1 ? ? O2    A DC 1 ? ? 112.19 118.90 -6.71  0.60 N 
6  1 N3    A DC 1 ? ? C2    A DC 1 ? ? O2    A DC 1 ? ? 137.06 121.90 15.16  0.70 N 
7  1 N3    A DC 1 ? ? C4    A DC 1 ? ? N4    A DC 1 ? ? 141.53 118.00 23.53  0.70 N 
8  1 C5    A DC 1 ? ? C4    A DC 1 ? ? N4    A DC 1 ? ? 114.32 120.20 -5.88  0.70 N 
9  1 "C3'" A DC 1 ? ? "O3'" A DC 1 ? ? P     A DG 2 ? ? 130.15 119.70 10.45  1.20 Y 
10 1 "O5'" A DG 2 ? ? P     A DG 2 ? ? OP1   A DG 2 ? ? 122.05 110.70 11.35  1.20 N 
11 1 P     A DG 2 ? ? "O5'" A DG 2 ? ? "C5'" A DG 2 ? ? 110.08 120.90 -10.82 1.60 N 
12 1 "C3'" A DG 2 ? ? "C2'" A DG 2 ? ? "C1'" A DG 2 ? ? 96.80  102.40 -5.60  0.80 N 
13 1 C6    A DG 2 ? ? N1    A DG 2 ? ? C2    A DG 2 ? ? 112.19 125.10 -12.91 0.60 N 
14 1 N1    A DG 2 ? ? C2    A DG 2 ? ? N3    A DG 2 ? ? 129.01 123.90 5.11   0.60 N 
15 1 C2    A DG 2 ? ? N3    A DG 2 ? ? C4    A DG 2 ? ? 100.72 111.90 -11.18 0.50 N 
16 1 N3    A DG 2 ? ? C4    A DG 2 ? ? C5    A DG 2 ? ? 147.41 128.60 18.81  0.50 N 
17 1 C4    A DG 2 ? ? C5    A DG 2 ? ? C6    A DG 2 ? ? 98.14  118.80 -20.66 0.60 N 
18 1 C5    A DG 2 ? ? C6    A DG 2 ? ? N1    A DG 2 ? ? 131.27 111.50 19.77  0.50 N 
19 1 C4    A DG 2 ? ? C5    A DG 2 ? ? N7    A DG 2 ? ? 118.52 110.80 7.72   0.40 N 
20 1 N7    A DG 2 ? ? C8    A DG 2 ? ? N9    A DG 2 ? ? 116.13 113.10 3.03   0.50 N 
21 1 C8    A DG 2 ? ? N9    A DG 2 ? ? C4    A DG 2 ? ? 100.78 106.40 -5.62  0.40 N 
22 1 N9    A DG 2 ? ? C4    A DG 2 ? ? C5    A DG 2 ? ? 97.75  105.40 -7.65  0.40 N 
23 1 N3    A DG 2 ? ? C4    A DG 2 ? ? N9    A DG 2 ? ? 114.47 126.00 -11.53 0.60 N 
24 1 C6    A DG 2 ? ? C5    A DG 2 ? ? N7    A DG 2 ? ? 134.22 130.40 3.82   0.60 N 
25 1 N1    A DG 2 ? ? C2    A DG 2 ? ? N2    A DG 2 ? ? 123.10 116.20 6.90   0.90 N 
26 1 N3    A DG 2 ? ? C2    A DG 2 ? ? N2    A DG 2 ? ? 107.88 119.90 -12.02 0.70 N 
27 1 N1    A DG 2 ? ? C6    A DG 2 ? ? O6    A DG 2 ? ? 98.86  119.90 -21.04 0.60 N 
28 1 N1    A DA 3 ? ? C2    A DA 3 ? ? N3    A DA 3 ? ? 124.72 129.30 -4.58  0.50 N 
29 1 N3    A DA 3 ? ? C4    A DA 3 ? ? C5    A DA 3 ? ? 145.14 126.80 18.34  0.70 N 
30 1 C4    A DA 3 ? ? C5    A DA 3 ? ? C6    A DA 3 ? ? 107.87 117.00 -9.13  0.50 N 
31 1 C5    A DA 3 ? ? C6    A DA 3 ? ? N1    A DA 3 ? ? 111.43 117.70 -6.27  0.50 N 
32 1 C4    A DA 3 ? ? C5    A DA 3 ? ? N7    A DA 3 ? ? 129.84 110.70 19.14  0.50 N 
33 1 C5    A DA 3 ? ? N7    A DA 3 ? ? C8    A DA 3 ? ? 88.18  103.90 -15.72 0.50 N 
34 1 N7    A DA 3 ? ? C8    A DA 3 ? ? N9    A DA 3 ? ? 117.44 113.80 3.64   0.50 N 
35 1 C8    A DA 3 ? ? N9    A DA 3 ? ? C4    A DA 3 ? ? 98.29  105.80 -7.51  0.40 N 
36 1 N9    A DA 3 ? ? C4    A DA 3 ? ? C5    A DA 3 ? ? 103.03 105.80 -2.77  0.40 N 
37 1 N3    A DA 3 ? ? C4    A DA 3 ? ? N9    A DA 3 ? ? 111.39 127.40 -16.01 0.80 N 
38 1 C6    A DA 3 ? ? C5    A DA 3 ? ? N7    A DA 3 ? ? 118.85 132.30 -13.45 0.70 N 
39 1 N1    A DA 3 ? ? C6    A DA 3 ? ? N6    A DA 3 ? ? 126.26 118.60 7.66   0.60 N 
40 1 OP1   A DT 4 ? ? P     A DT 4 ? ? OP2   A DT 4 ? ? 133.62 119.60 14.02  1.50 N 
41 1 "O5'" A DT 4 ? ? P     A DT 4 ? ? OP1   A DT 4 ? ? 124.30 110.70 13.60  1.20 N 
42 1 "O5'" A DT 4 ? ? P     A DT 4 ? ? OP2   A DT 4 ? ? 90.97  105.70 -14.73 0.90 N 
43 1 P     A DT 4 ? ? "O5'" A DT 4 ? ? "C5'" A DT 4 ? ? 106.95 120.90 -13.95 1.60 N 
44 1 "O4'" A DT 4 ? ? "C1'" A DT 4 ? ? N1    A DT 4 ? ? 97.71  108.00 -10.29 0.70 N 
45 1 C6    A DT 4 ? ? N1    A DT 4 ? ? C2    A DT 4 ? ? 103.10 121.30 -18.20 0.50 N 
46 1 N1    A DT 4 ? ? C2    A DT 4 ? ? N3    A DT 4 ? ? 140.19 114.60 25.59  0.60 N 
47 1 C2    A DT 4 ? ? N3    A DT 4 ? ? C4    A DT 4 ? ? 116.82 127.20 -10.38 0.60 N 
48 1 N3    A DT 4 ? ? C4    A DT 4 ? ? C5    A DT 4 ? ? 111.33 115.20 -3.87  0.60 N 
49 1 C5    A DT 4 ? ? C6    A DT 4 ? ? N1    A DT 4 ? ? 128.60 123.70 4.90   0.60 N 
50 1 N1    A DT 4 ? ? C2    A DT 4 ? ? O2    A DT 4 ? ? 114.28 123.10 -8.82  0.80 N 
51 1 N3    A DT 4 ? ? C2    A DT 4 ? ? O2    A DT 4 ? ? 105.36 122.30 -16.94 0.60 N 
52 1 N3    A DT 4 ? ? C4    A DT 4 ? ? O4    A DT 4 ? ? 131.88 119.90 11.98  0.60 N 
53 1 C5    A DT 4 ? ? C4    A DT 4 ? ? O4    A DT 4 ? ? 116.72 124.90 -8.18  0.70 N 
54 1 C6    A DT 4 ? ? N1    A DT 4 ? ? "C1'" A DT 4 ? ? 133.37 120.40 12.97  1.50 N 
55 1 OP1   A DC 5 ? ? P     A DC 5 ? ? OP2   A DC 5 ? ? 134.57 119.60 14.97  1.50 N 
56 1 "O5'" A DC 5 ? ? P     A DC 5 ? ? OP2   A DC 5 ? ? 98.93  105.70 -6.77  0.90 N 
57 1 "C3'" A DC 5 ? ? "C2'" A DC 5 ? ? "C1'" A DC 5 ? ? 97.46  102.40 -4.94  0.80 N 
58 1 "O4'" A DC 5 ? ? "C1'" A DC 5 ? ? "C2'" A DC 5 ? ? 100.95 105.90 -4.95  0.80 N 
59 1 "O4'" A DC 5 ? ? "C1'" A DC 5 ? ? N1    A DC 5 ? ? 101.38 108.00 -6.62  0.70 N 
60 1 C6    A DC 5 ? ? N1    A DC 5 ? ? C2    A DC 5 ? ? 90.95  120.30 -29.35 0.40 N 
61 1 N1    A DC 5 ? ? C2    A DC 5 ? ? N3    A DC 5 ? ? 157.33 119.20 38.13  0.70 N 
62 1 C2    A DC 5 ? ? N3    A DC 5 ? ? C4    A DC 5 ? ? 99.05  119.90 -20.85 0.50 N 
63 1 C4    A DC 5 ? ? C5    A DC 5 ? ? C6    A DC 5 ? ? 113.61 117.40 -3.79  0.50 N 
64 1 C5    A DC 5 ? ? C6    A DC 5 ? ? N1    A DC 5 ? ? 134.23 121.00 13.23  0.50 N 
65 1 N1    A DC 5 ? ? C2    A DC 5 ? ? O2    A DC 5 ? ? 101.72 118.90 -17.18 0.60 N 
66 1 N3    A DC 5 ? ? C2    A DC 5 ? ? O2    A DC 5 ? ? 100.85 121.90 -21.05 0.70 N 
67 1 C6    A DC 5 ? ? N1    A DC 5 ? ? "C1'" A DC 5 ? ? 131.36 120.80 10.56  1.20 N 
68 1 C2    A DC 5 ? ? N1    A DC 5 ? ? "C1'" A DC 5 ? ? 131.80 118.80 13.00  1.10 N 
69 1 C6    A DG 6 ? ? N1    A DG 6 ? ? C2    A DG 6 ? ? 106.17 125.10 -18.93 0.60 N 
70 1 C2    A DG 6 ? ? N3    A DG 6 ? ? C4    A DG 6 ? ? 93.55  111.90 -18.35 0.50 N 
71 1 N3    A DG 6 ? ? C4    A DG 6 ? ? C5    A DG 6 ? ? 150.51 128.60 21.91  0.50 N 
72 1 C4    A DG 6 ? ? C5    A DG 6 ? ? C6    A DG 6 ? ? 103.91 118.80 -14.89 0.60 N 
73 1 C5    A DG 6 ? ? C6    A DG 6 ? ? N1    A DG 6 ? ? 128.69 111.50 17.19  0.50 N 
74 1 C4    A DG 6 ? ? C5    A DG 6 ? ? N7    A DG 6 ? ? 134.73 110.80 23.93  0.40 N 
75 1 C5    A DG 6 ? ? N7    A DG 6 ? ? C8    A DG 6 ? ? 89.89  104.30 -14.41 0.50 N 
76 1 C8    A DG 6 ? ? N9    A DG 6 ? ? C4    A DG 6 ? ? 99.12  106.40 -7.28  0.40 N 
77 1 N9    A DG 6 ? ? C4    A DG 6 ? ? C5    A DG 6 ? ? 97.16  105.40 -8.24  0.40 N 
78 1 N3    A DG 6 ? ? C4    A DG 6 ? ? N9    A DG 6 ? ? 100.89 126.00 -25.11 0.60 N 
79 1 C6    A DG 6 ? ? C5    A DG 6 ? ? N7    A DG 6 ? ? 117.96 130.40 -12.44 0.60 N 
80 1 N1    A DG 6 ? ? C2    A DG 6 ? ? N2    A DG 6 ? ? 124.28 116.20 8.08   0.90 N 
81 1 N3    A DG 6 ? ? C2    A DG 6 ? ? N2    A DG 6 ? ? 105.64 119.90 -14.26 0.70 N 
82 1 N1    A DG 6 ? ? C6    A DG 6 ? ? O6    A DG 6 ? ? 98.53  119.90 -21.37 0.60 N 
83 1 C5    A DG 6 ? ? C6    A DG 6 ? ? O6    A DG 6 ? ? 132.74 128.60 4.14   0.60 N 
84 1 C4    A DG 6 ? ? N9    A DG 6 ? ? "C1'" A DG 6 ? ? 136.16 126.50 9.66   1.30 N 
# 
loop_
_pdbx_validate_planes.id 
_pdbx_validate_planes.PDB_model_num 
_pdbx_validate_planes.auth_comp_id 
_pdbx_validate_planes.auth_asym_id 
_pdbx_validate_planes.auth_seq_id 
_pdbx_validate_planes.PDB_ins_code 
_pdbx_validate_planes.label_alt_id 
_pdbx_validate_planes.rmsd 
_pdbx_validate_planes.type 
1 1 DG A 2 ? ? 0.090 'SIDE CHAIN' 
2 1 DC A 5 ? ? 0.116 'SIDE CHAIN' 
3 1 DG A 6 ? ? 0.081 'SIDE CHAIN' 
# 
_struct_site_keywords.site_id   1 
_struct_site_keywords.text      'INTERCALATION, MINOR GROOVE BINDER' 
# 
loop_
_chem_comp_atom.comp_id 
_chem_comp_atom.atom_id 
_chem_comp_atom.type_symbol 
_chem_comp_atom.pdbx_aromatic_flag 
_chem_comp_atom.pdbx_stereo_config 
_chem_comp_atom.pdbx_ordinal 
DA  OP3    O N N 1   
DA  P      P N N 2   
DA  OP1    O N N 3   
DA  OP2    O N N 4   
DA  "O5'"  O N N 5   
DA  "C5'"  C N N 6   
DA  "C4'"  C N R 7   
DA  "O4'"  O N N 8   
DA  "C3'"  C N S 9   
DA  "O3'"  O N N 10  
DA  "C2'"  C N N 11  
DA  "C1'"  C N R 12  
DA  N9     N Y N 13  
DA  C8     C Y N 14  
DA  N7     N Y N 15  
DA  C5     C Y N 16  
DA  C6     C Y N 17  
DA  N6     N N N 18  
DA  N1     N Y N 19  
DA  C2     C Y N 20  
DA  N3     N Y N 21  
DA  C4     C Y N 22  
DA  HOP3   H N N 23  
DA  HOP2   H N N 24  
DA  "H5'"  H N N 25  
DA  "H5''" H N N 26  
DA  "H4'"  H N N 27  
DA  "H3'"  H N N 28  
DA  "HO3'" H N N 29  
DA  "H2'"  H N N 30  
DA  "H2''" H N N 31  
DA  "H1'"  H N N 32  
DA  H8     H N N 33  
DA  H61    H N N 34  
DA  H62    H N N 35  
DA  H2     H N N 36  
DC  OP3    O N N 37  
DC  P      P N N 38  
DC  OP1    O N N 39  
DC  OP2    O N N 40  
DC  "O5'"  O N N 41  
DC  "C5'"  C N N 42  
DC  "C4'"  C N R 43  
DC  "O4'"  O N N 44  
DC  "C3'"  C N S 45  
DC  "O3'"  O N N 46  
DC  "C2'"  C N N 47  
DC  "C1'"  C N R 48  
DC  N1     N N N 49  
DC  C2     C N N 50  
DC  O2     O N N 51  
DC  N3     N N N 52  
DC  C4     C N N 53  
DC  N4     N N N 54  
DC  C5     C N N 55  
DC  C6     C N N 56  
DC  HOP3   H N N 57  
DC  HOP2   H N N 58  
DC  "H5'"  H N N 59  
DC  "H5''" H N N 60  
DC  "H4'"  H N N 61  
DC  "H3'"  H N N 62  
DC  "HO3'" H N N 63  
DC  "H2'"  H N N 64  
DC  "H2''" H N N 65  
DC  "H1'"  H N N 66  
DC  H41    H N N 67  
DC  H42    H N N 68  
DC  H5     H N N 69  
DC  H6     H N N 70  
DG  OP3    O N N 71  
DG  P      P N N 72  
DG  OP1    O N N 73  
DG  OP2    O N N 74  
DG  "O5'"  O N N 75  
DG  "C5'"  C N N 76  
DG  "C4'"  C N R 77  
DG  "O4'"  O N N 78  
DG  "C3'"  C N S 79  
DG  "O3'"  O N N 80  
DG  "C2'"  C N N 81  
DG  "C1'"  C N R 82  
DG  N9     N Y N 83  
DG  C8     C Y N 84  
DG  N7     N Y N 85  
DG  C5     C Y N 86  
DG  C6     C N N 87  
DG  O6     O N N 88  
DG  N1     N N N 89  
DG  C2     C N N 90  
DG  N2     N N N 91  
DG  N3     N N N 92  
DG  C4     C Y N 93  
DG  HOP3   H N N 94  
DG  HOP2   H N N 95  
DG  "H5'"  H N N 96  
DG  "H5''" H N N 97  
DG  "H4'"  H N N 98  
DG  "H3'"  H N N 99  
DG  "HO3'" H N N 100 
DG  "H2'"  H N N 101 
DG  "H2''" H N N 102 
DG  "H1'"  H N N 103 
DG  H8     H N N 104 
DG  H1     H N N 105 
DG  H21    H N N 106 
DG  H22    H N N 107 
DT  OP3    O N N 108 
DT  P      P N N 109 
DT  OP1    O N N 110 
DT  OP2    O N N 111 
DT  "O5'"  O N N 112 
DT  "C5'"  C N N 113 
DT  "C4'"  C N R 114 
DT  "O4'"  O N N 115 
DT  "C3'"  C N S 116 
DT  "O3'"  O N N 117 
DT  "C2'"  C N N 118 
DT  "C1'"  C N R 119 
DT  N1     N N N 120 
DT  C2     C N N 121 
DT  O2     O N N 122 
DT  N3     N N N 123 
DT  C4     C N N 124 
DT  O4     O N N 125 
DT  C5     C N N 126 
DT  C7     C N N 127 
DT  C6     C N N 128 
DT  HOP3   H N N 129 
DT  HOP2   H N N 130 
DT  "H5'"  H N N 131 
DT  "H5''" H N N 132 
DT  "H4'"  H N N 133 
DT  "H3'"  H N N 134 
DT  "HO3'" H N N 135 
DT  "H2'"  H N N 136 
DT  "H2''" H N N 137 
DT  "H1'"  H N N 138 
DT  H3     H N N 139 
DT  H71    H N N 140 
DT  H72    H N N 141 
DT  H73    H N N 142 
DT  H6     H N N 143 
HOH O      O N N 144 
HOH H1     H N N 145 
HOH H2     H N N 146 
MAR C1     C Y N 147 
MAR C2     C Y N 148 
MAR C3     C Y N 149 
MAR C4     C Y N 150 
MAR O4     O N N 151 
MAR C5     C Y N 152 
MAR C6     C N N 153 
MAR O6     O N N 154 
MAR C7     C Y N 155 
MAR C8     C Y N 156 
MAR O8     O N N 157 
MAR C9     C Y N 158 
MAR C10    C N S 159 
MAR O10    O N N 160 
MAR C11    C N N 161 
MAR C12    C N S 162 
MAR O12    O N N 163 
MAR C13    C N N 164 
MAR O13    O N N 165 
MAR C14    C N N 166 
MAR C15    C N N 167 
MAR C16    C Y N 168 
MAR C17    C Y N 169 
MAR O17    O N N 170 
MAR C18    C Y N 171 
MAR C19    C N N 172 
MAR O19    O N N 173 
MAR C20    C Y N 174 
MAR C21    C N N 175 
MAR "C1'"  C N R 176 
MAR "C2'"  C N N 177 
MAR "C3'"  C N S 178 
MAR "N3'"  N N N 179 
MAR "C4'"  C N S 180 
MAR "O4'"  O N N 181 
MAR "C5'"  C N S 182 
MAR "O5'"  O N N 183 
MAR "C6'"  C N N 184 
MAR CB1    C N S 185 
MAR CB2    C N N 186 
MAR CB3    C N S 187 
MAR OB3    O N N 188 
MAR CB4    C N R 189 
MAR OB4    O N N 190 
MAR CB5    C N S 191 
MAR OB5    O N N 192 
MAR CB6    C N N 193 
MAR H1     H N N 194 
MAR H2     H N N 195 
MAR H3     H N N 196 
MAR HO8    H N N 197 
MAR H10    H N N 198 
MAR H111   H N N 199 
MAR H112   H N N 200 
MAR HO12   H N N 201 
MAR H141   H N N 202 
MAR H142   H N N 203 
MAR H143   H N N 204 
MAR H151   H N N 205 
MAR H152   H N N 206 
MAR HO17   H N N 207 
MAR H211   H N N 208 
MAR H212   H N N 209 
MAR H213   H N N 210 
MAR "H1'"  H N N 211 
MAR "H2'1" H N N 212 
MAR "H2'2" H N N 213 
MAR "H3'"  H N N 214 
MAR "HN'1" H N N 215 
MAR "HN'2" H N N 216 
MAR "H4'"  H N N 217 
MAR "H5'"  H N N 218 
MAR "H6'1" H N N 219 
MAR "H6'2" H N N 220 
MAR "H6'3" H N N 221 
MAR HB1    H N N 222 
MAR HB21   H N N 223 
MAR HB22   H N N 224 
MAR HB3    H N N 225 
MAR HOB3   H N N 226 
MAR HB4    H N N 227 
MAR HOB4   H N N 228 
MAR HB5    H N N 229 
MAR HB61   H N N 230 
MAR HB62   H N N 231 
MAR HB63   H N N 232 
# 
loop_
_chem_comp_bond.comp_id 
_chem_comp_bond.atom_id_1 
_chem_comp_bond.atom_id_2 
_chem_comp_bond.value_order 
_chem_comp_bond.pdbx_aromatic_flag 
_chem_comp_bond.pdbx_stereo_config 
_chem_comp_bond.pdbx_ordinal 
DA  OP3   P      sing N N 1   
DA  OP3   HOP3   sing N N 2   
DA  P     OP1    doub N N 3   
DA  P     OP2    sing N N 4   
DA  P     "O5'"  sing N N 5   
DA  OP2   HOP2   sing N N 6   
DA  "O5'" "C5'"  sing N N 7   
DA  "C5'" "C4'"  sing N N 8   
DA  "C5'" "H5'"  sing N N 9   
DA  "C5'" "H5''" sing N N 10  
DA  "C4'" "O4'"  sing N N 11  
DA  "C4'" "C3'"  sing N N 12  
DA  "C4'" "H4'"  sing N N 13  
DA  "O4'" "C1'"  sing N N 14  
DA  "C3'" "O3'"  sing N N 15  
DA  "C3'" "C2'"  sing N N 16  
DA  "C3'" "H3'"  sing N N 17  
DA  "O3'" "HO3'" sing N N 18  
DA  "C2'" "C1'"  sing N N 19  
DA  "C2'" "H2'"  sing N N 20  
DA  "C2'" "H2''" sing N N 21  
DA  "C1'" N9     sing N N 22  
DA  "C1'" "H1'"  sing N N 23  
DA  N9    C8     sing Y N 24  
DA  N9    C4     sing Y N 25  
DA  C8    N7     doub Y N 26  
DA  C8    H8     sing N N 27  
DA  N7    C5     sing Y N 28  
DA  C5    C6     sing Y N 29  
DA  C5    C4     doub Y N 30  
DA  C6    N6     sing N N 31  
DA  C6    N1     doub Y N 32  
DA  N6    H61    sing N N 33  
DA  N6    H62    sing N N 34  
DA  N1    C2     sing Y N 35  
DA  C2    N3     doub Y N 36  
DA  C2    H2     sing N N 37  
DA  N3    C4     sing Y N 38  
DC  OP3   P      sing N N 39  
DC  OP3   HOP3   sing N N 40  
DC  P     OP1    doub N N 41  
DC  P     OP2    sing N N 42  
DC  P     "O5'"  sing N N 43  
DC  OP2   HOP2   sing N N 44  
DC  "O5'" "C5'"  sing N N 45  
DC  "C5'" "C4'"  sing N N 46  
DC  "C5'" "H5'"  sing N N 47  
DC  "C5'" "H5''" sing N N 48  
DC  "C4'" "O4'"  sing N N 49  
DC  "C4'" "C3'"  sing N N 50  
DC  "C4'" "H4'"  sing N N 51  
DC  "O4'" "C1'"  sing N N 52  
DC  "C3'" "O3'"  sing N N 53  
DC  "C3'" "C2'"  sing N N 54  
DC  "C3'" "H3'"  sing N N 55  
DC  "O3'" "HO3'" sing N N 56  
DC  "C2'" "C1'"  sing N N 57  
DC  "C2'" "H2'"  sing N N 58  
DC  "C2'" "H2''" sing N N 59  
DC  "C1'" N1     sing N N 60  
DC  "C1'" "H1'"  sing N N 61  
DC  N1    C2     sing N N 62  
DC  N1    C6     sing N N 63  
DC  C2    O2     doub N N 64  
DC  C2    N3     sing N N 65  
DC  N3    C4     doub N N 66  
DC  C4    N4     sing N N 67  
DC  C4    C5     sing N N 68  
DC  N4    H41    sing N N 69  
DC  N4    H42    sing N N 70  
DC  C5    C6     doub N N 71  
DC  C5    H5     sing N N 72  
DC  C6    H6     sing N N 73  
DG  OP3   P      sing N N 74  
DG  OP3   HOP3   sing N N 75  
DG  P     OP1    doub N N 76  
DG  P     OP2    sing N N 77  
DG  P     "O5'"  sing N N 78  
DG  OP2   HOP2   sing N N 79  
DG  "O5'" "C5'"  sing N N 80  
DG  "C5'" "C4'"  sing N N 81  
DG  "C5'" "H5'"  sing N N 82  
DG  "C5'" "H5''" sing N N 83  
DG  "C4'" "O4'"  sing N N 84  
DG  "C4'" "C3'"  sing N N 85  
DG  "C4'" "H4'"  sing N N 86  
DG  "O4'" "C1'"  sing N N 87  
DG  "C3'" "O3'"  sing N N 88  
DG  "C3'" "C2'"  sing N N 89  
DG  "C3'" "H3'"  sing N N 90  
DG  "O3'" "HO3'" sing N N 91  
DG  "C2'" "C1'"  sing N N 92  
DG  "C2'" "H2'"  sing N N 93  
DG  "C2'" "H2''" sing N N 94  
DG  "C1'" N9     sing N N 95  
DG  "C1'" "H1'"  sing N N 96  
DG  N9    C8     sing Y N 97  
DG  N9    C4     sing Y N 98  
DG  C8    N7     doub Y N 99  
DG  C8    H8     sing N N 100 
DG  N7    C5     sing Y N 101 
DG  C5    C6     sing N N 102 
DG  C5    C4     doub Y N 103 
DG  C6    O6     doub N N 104 
DG  C6    N1     sing N N 105 
DG  N1    C2     sing N N 106 
DG  N1    H1     sing N N 107 
DG  C2    N2     sing N N 108 
DG  C2    N3     doub N N 109 
DG  N2    H21    sing N N 110 
DG  N2    H22    sing N N 111 
DG  N3    C4     sing N N 112 
DT  OP3   P      sing N N 113 
DT  OP3   HOP3   sing N N 114 
DT  P     OP1    doub N N 115 
DT  P     OP2    sing N N 116 
DT  P     "O5'"  sing N N 117 
DT  OP2   HOP2   sing N N 118 
DT  "O5'" "C5'"  sing N N 119 
DT  "C5'" "C4'"  sing N N 120 
DT  "C5'" "H5'"  sing N N 121 
DT  "C5'" "H5''" sing N N 122 
DT  "C4'" "O4'"  sing N N 123 
DT  "C4'" "C3'"  sing N N 124 
DT  "C4'" "H4'"  sing N N 125 
DT  "O4'" "C1'"  sing N N 126 
DT  "C3'" "O3'"  sing N N 127 
DT  "C3'" "C2'"  sing N N 128 
DT  "C3'" "H3'"  sing N N 129 
DT  "O3'" "HO3'" sing N N 130 
DT  "C2'" "C1'"  sing N N 131 
DT  "C2'" "H2'"  sing N N 132 
DT  "C2'" "H2''" sing N N 133 
DT  "C1'" N1     sing N N 134 
DT  "C1'" "H1'"  sing N N 135 
DT  N1    C2     sing N N 136 
DT  N1    C6     sing N N 137 
DT  C2    O2     doub N N 138 
DT  C2    N3     sing N N 139 
DT  N3    C4     sing N N 140 
DT  N3    H3     sing N N 141 
DT  C4    O4     doub N N 142 
DT  C4    C5     sing N N 143 
DT  C5    C7     sing N N 144 
DT  C5    C6     doub N N 145 
DT  C7    H71    sing N N 146 
DT  C7    H72    sing N N 147 
DT  C7    H73    sing N N 148 
DT  C6    H6     sing N N 149 
HOH O     H1     sing N N 150 
HOH O     H2     sing N N 151 
MAR C1    C2     doub Y N 152 
MAR C1    C20    sing Y N 153 
MAR C1    H1     sing N N 154 
MAR C2    C3     sing Y N 155 
MAR C2    H2     sing N N 156 
MAR C3    C4     doub Y N 157 
MAR C3    H3     sing N N 158 
MAR C4    O4     sing N N 159 
MAR C4    C5     sing Y N 160 
MAR O4    C21    sing N N 161 
MAR C5    C6     sing N N 162 
MAR C5    C20    doub Y N 163 
MAR C6    O6     doub N N 164 
MAR C6    C7     sing N N 165 
MAR C7    C8     doub Y N 166 
MAR C7    C18    sing Y N 167 
MAR C8    O8     sing N N 168 
MAR C8    C9     sing Y N 169 
MAR O8    HO8    sing N N 170 
MAR C9    C10    sing N N 171 
MAR C9    C16    doub Y N 172 
MAR C10   O10    sing N N 173 
MAR C10   C11    sing N N 174 
MAR C10   H10    sing N N 175 
MAR O10   "C1'"  sing N N 176 
MAR C11   C12    sing N N 177 
MAR C11   H111   sing N N 178 
MAR C11   H112   sing N N 179 
MAR C12   O12    sing N N 180 
MAR C12   C13    sing N N 181 
MAR C12   C15    sing N N 182 
MAR O12   HO12   sing N N 183 
MAR C13   O13    doub N N 184 
MAR C13   C14    sing N N 185 
MAR C14   H141   sing N N 186 
MAR C14   H142   sing N N 187 
MAR C14   H143   sing N N 188 
MAR C15   C16    sing N N 189 
MAR C15   H151   sing N N 190 
MAR C15   H152   sing N N 191 
MAR C16   C17    sing Y N 192 
MAR C17   O17    sing N N 193 
MAR C17   C18    doub Y N 194 
MAR O17   HO17   sing N N 195 
MAR C18   C19    sing N N 196 
MAR C19   O19    doub N N 197 
MAR C19   C20    sing N N 198 
MAR C21   H211   sing N N 199 
MAR C21   H212   sing N N 200 
MAR C21   H213   sing N N 201 
MAR "C1'" "C2'"  sing N N 202 
MAR "C1'" "O5'"  sing N N 203 
MAR "C1'" "H1'"  sing N N 204 
MAR "C2'" "C3'"  sing N N 205 
MAR "C2'" "H2'1" sing N N 206 
MAR "C2'" "H2'2" sing N N 207 
MAR "C3'" "N3'"  sing N N 208 
MAR "C3'" "C4'"  sing N N 209 
MAR "C3'" "H3'"  sing N N 210 
MAR "N3'" "HN'1" sing N N 211 
MAR "N3'" "HN'2" sing N N 212 
MAR "C4'" "O4'"  sing N N 213 
MAR "C4'" "C5'"  sing N N 214 
MAR "C4'" "H4'"  sing N N 215 
MAR "O4'" CB1    sing N N 216 
MAR "C5'" "O5'"  sing N N 217 
MAR "C5'" "C6'"  sing N N 218 
MAR "C5'" "H5'"  sing N N 219 
MAR "C6'" "H6'1" sing N N 220 
MAR "C6'" "H6'2" sing N N 221 
MAR "C6'" "H6'3" sing N N 222 
MAR CB1   CB2    sing N N 223 
MAR CB1   OB5    sing N N 224 
MAR CB1   HB1    sing N N 225 
MAR CB2   CB3    sing N N 226 
MAR CB2   HB21   sing N N 227 
MAR CB2   HB22   sing N N 228 
MAR CB3   OB3    sing N N 229 
MAR CB3   CB4    sing N N 230 
MAR CB3   HB3    sing N N 231 
MAR OB3   HOB3   sing N N 232 
MAR CB4   OB4    sing N N 233 
MAR CB4   CB5    sing N N 234 
MAR CB4   HB4    sing N N 235 
MAR OB4   HOB4   sing N N 236 
MAR CB5   OB5    sing N N 237 
MAR CB5   CB6    sing N N 238 
MAR CB5   HB5    sing N N 239 
MAR CB6   HB61   sing N N 240 
MAR CB6   HB62   sing N N 241 
MAR CB6   HB63   sing N N 242 
# 
_ndb_struct_conf_na.entry_id   1R68 
_ndb_struct_conf_na.feature    'b-form double helix' 
# 
loop_
_ndb_struct_na_base_pair.model_number 
_ndb_struct_na_base_pair.i_label_asym_id 
_ndb_struct_na_base_pair.i_label_comp_id 
_ndb_struct_na_base_pair.i_label_seq_id 
_ndb_struct_na_base_pair.i_symmetry 
_ndb_struct_na_base_pair.j_label_asym_id 
_ndb_struct_na_base_pair.j_label_comp_id 
_ndb_struct_na_base_pair.j_label_seq_id 
_ndb_struct_na_base_pair.j_symmetry 
_ndb_struct_na_base_pair.shear 
_ndb_struct_na_base_pair.stretch 
_ndb_struct_na_base_pair.stagger 
_ndb_struct_na_base_pair.buckle 
_ndb_struct_na_base_pair.propeller 
_ndb_struct_na_base_pair.opening 
_ndb_struct_na_base_pair.pair_number 
_ndb_struct_na_base_pair.pair_name 
_ndb_struct_na_base_pair.i_auth_asym_id 
_ndb_struct_na_base_pair.i_auth_seq_id 
_ndb_struct_na_base_pair.i_PDB_ins_code 
_ndb_struct_na_base_pair.j_auth_asym_id 
_ndb_struct_na_base_pair.j_auth_seq_id 
_ndb_struct_na_base_pair.j_PDB_ins_code 
_ndb_struct_na_base_pair.hbond_type_28 
_ndb_struct_na_base_pair.hbond_type_12 
1 A DC 1 1_555 A DG 6 8_665 0.037  -0.185 -0.118 9.799   3.346  -0.492 1 A_DC1:DG6_A A 1 ? A 6 ? 19 1 
1 A DG 2 1_555 A DC 5 8_665 -0.016 0.005  -0.282 -18.756 -2.203 2.123  2 A_DG2:DC5_A A 2 ? A 5 ? 19 1 
1 A DA 3 1_555 A DT 4 8_665 0.200  -0.002 0.033  -9.160  -3.048 -1.900 3 A_DA3:DT4_A A 3 ? A 4 ? 20 1 
1 A DT 4 1_555 A DA 3 8_665 -0.200 -0.002 0.033  9.160   -3.048 -1.900 4 A_DT4:DA3_A A 4 ? A 3 ? 20 1 
1 A DC 5 1_555 A DG 2 8_665 0.016  0.005  -0.282 18.756  -2.203 2.123  5 A_DC5:DG2_A A 5 ? A 2 ? 19 1 
1 A DG 6 1_555 A DC 1 8_665 -0.037 -0.185 -0.118 -9.799  3.346  -0.492 6 A_DG6:DC1_A A 6 ? A 1 ? 19 1 
# 
loop_
_ndb_struct_na_base_pair_step.model_number 
_ndb_struct_na_base_pair_step.i_label_asym_id_1 
_ndb_struct_na_base_pair_step.i_label_comp_id_1 
_ndb_struct_na_base_pair_step.i_label_seq_id_1 
_ndb_struct_na_base_pair_step.i_symmetry_1 
_ndb_struct_na_base_pair_step.j_label_asym_id_1 
_ndb_struct_na_base_pair_step.j_label_comp_id_1 
_ndb_struct_na_base_pair_step.j_label_seq_id_1 
_ndb_struct_na_base_pair_step.j_symmetry_1 
_ndb_struct_na_base_pair_step.i_label_asym_id_2 
_ndb_struct_na_base_pair_step.i_label_comp_id_2 
_ndb_struct_na_base_pair_step.i_label_seq_id_2 
_ndb_struct_na_base_pair_step.i_symmetry_2 
_ndb_struct_na_base_pair_step.j_label_asym_id_2 
_ndb_struct_na_base_pair_step.j_label_comp_id_2 
_ndb_struct_na_base_pair_step.j_label_seq_id_2 
_ndb_struct_na_base_pair_step.j_symmetry_2 
_ndb_struct_na_base_pair_step.shift 
_ndb_struct_na_base_pair_step.slide 
_ndb_struct_na_base_pair_step.rise 
_ndb_struct_na_base_pair_step.tilt 
_ndb_struct_na_base_pair_step.roll 
_ndb_struct_na_base_pair_step.twist 
_ndb_struct_na_base_pair_step.x_displacement 
_ndb_struct_na_base_pair_step.y_displacement 
_ndb_struct_na_base_pair_step.helical_rise 
_ndb_struct_na_base_pair_step.inclination 
_ndb_struct_na_base_pair_step.tip 
_ndb_struct_na_base_pair_step.helical_twist 
_ndb_struct_na_base_pair_step.step_number 
_ndb_struct_na_base_pair_step.step_name 
_ndb_struct_na_base_pair_step.i_auth_asym_id_1 
_ndb_struct_na_base_pair_step.i_auth_seq_id_1 
_ndb_struct_na_base_pair_step.i_PDB_ins_code_1 
_ndb_struct_na_base_pair_step.j_auth_asym_id_1 
_ndb_struct_na_base_pair_step.j_auth_seq_id_1 
_ndb_struct_na_base_pair_step.j_PDB_ins_code_1 
_ndb_struct_na_base_pair_step.i_auth_asym_id_2 
_ndb_struct_na_base_pair_step.i_auth_seq_id_2 
_ndb_struct_na_base_pair_step.i_PDB_ins_code_2 
_ndb_struct_na_base_pair_step.j_auth_asym_id_2 
_ndb_struct_na_base_pair_step.j_auth_seq_id_2 
_ndb_struct_na_base_pair_step.j_PDB_ins_code_2 
1 A DC 1 1_555 A DG 6 8_665 A DG 2 1_555 A DC 5 8_665 1.315  1.275  7.143 0.893  -2.023 36.184 2.667  -1.841 7.093 -3.253 -1.436 
36.249 1 AA_DC1DG2:DC5DG6_AA A 1 ? A 6 ? A 2 ? A 5 ? 
1 A DG 2 1_555 A DC 5 8_665 A DA 3 1_555 A DT 4 8_665 -1.545 0.655  3.290 -5.248 -0.227 31.071 1.251  1.824  3.493 -0.420 9.709  
31.501 2 AA_DG2DA3:DT4DC5_AA A 2 ? A 5 ? A 3 ? A 4 ? 
1 A DA 3 1_555 A DT 4 8_665 A DT 4 1_555 A DA 3 8_665 0.000  -0.739 2.989 0.000  3.866  30.658 -2.062 0.000  2.877 7.275  0.000  
30.895 3 AA_DA3DT4:DA3DT4_AA A 3 ? A 4 ? A 4 ? A 3 ? 
1 A DT 4 1_555 A DA 3 8_665 A DC 5 1_555 A DG 2 8_665 1.545  0.655  3.290 5.248  -0.227 31.071 1.251  -1.824 3.493 -0.420 -9.709 
31.501 4 AA_DT4DC5:DG2DA3_AA A 4 ? A 3 ? A 5 ? A 2 ? 
1 A DC 5 1_555 A DG 2 8_665 A DG 6 1_555 A DC 1 8_665 -1.315 1.275  7.143 -0.893 -2.023 36.184 2.667  1.841  7.093 -3.253 1.436  
36.249 5 AA_DC5DG6:DC1DG2_AA A 5 ? A 2 ? A 6 ? A 1 ? 
# 
_atom_sites.entry_id                    1R68 
_atom_sites.fract_transf_matrix[1][1]   0.01434514 
_atom_sites.fract_transf_matrix[1][2]   0.03235339 
_atom_sites.fract_transf_matrix[1][3]   0.00242484 
_atom_sites.fract_transf_matrix[2][1]   0.00284859 
_atom_sites.fract_transf_matrix[2][2]   -0.00389703 
_atom_sites.fract_transf_matrix[2][3]   0.03514404 
_atom_sites.fract_transf_matrix[3][1]   0.01710874 
_atom_sites.fract_transf_matrix[3][2]   -0.00742022 
_atom_sites.fract_transf_matrix[3][3]   -0.00220955 
_atom_sites.fract_transf_vector[1]      0.589932 
_atom_sites.fract_transf_vector[2]      0.513092 
_atom_sites.fract_transf_vector[3]      0.215501 
# 
loop_
_atom_type.symbol 
C 
N 
O 
P 
# 
loop_
_atom_site.group_PDB 
_atom_site.id 
_atom_site.type_symbol 
_atom_site.label_atom_id 
_atom_site.label_alt_id 
_atom_site.label_comp_id 
_atom_site.label_asym_id 
_atom_site.label_entity_id 
_atom_site.label_seq_id 
_atom_site.pdbx_PDB_ins_code 
_atom_site.Cartn_x 
_atom_site.Cartn_y 
_atom_site.Cartn_z 
_atom_site.occupancy 
_atom_site.B_iso_or_equiv 
_atom_site.pdbx_formal_charge 
_atom_site.auth_seq_id 
_atom_site.auth_comp_id 
_atom_site.auth_asym_id 
_atom_site.auth_atom_id 
_atom_site.pdbx_PDB_model_num 
ATOM   1   O "O5'" . DC  A 1 1 ? 8.238   -11.888 3.923   1.00 26.88 ? 1    DC  A "O5'" 1 
ATOM   2   C "C5'" . DC  A 1 1 ? 9.229   -11.870 4.963   1.00 22.01 ? 1    DC  A "C5'" 1 
ATOM   3   C "C4'" . DC  A 1 1 ? 10.047  -10.652 4.695   1.00 19.54 ? 1    DC  A "C4'" 1 
ATOM   4   O "O4'" . DC  A 1 1 ? 10.648  -10.735 3.382   1.00 21.88 ? 1    DC  A "O4'" 1 
ATOM   5   C "C3'" . DC  A 1 1 ? 9.214   -9.374  4.708   1.00 18.00 ? 1    DC  A "C3'" 1 
ATOM   6   O "O3'" . DC  A 1 1 ? 9.888   -8.483  5.557   1.00 18.11 ? 1    DC  A "O3'" 1 
ATOM   7   C "C2'" . DC  A 1 1 ? 9.162   -8.899  3.287   1.00 16.67 ? 1    DC  A "C2'" 1 
ATOM   8   C "C1'" . DC  A 1 1 ? 10.453  -9.489  2.710   1.00 17.88 ? 1    DC  A "C1'" 1 
ATOM   9   N N1    . DC  A 1 1 ? 10.403  -9.824  1.328   1.00 12.06 ? 1    DC  A N1    1 
ATOM   10  C C2    . DC  A 1 1 ? 10.879  -8.713  0.271   1.00 8.94  ? 1    DC  A C2    1 
ATOM   11  O O2    . DC  A 1 1 ? 11.420  -7.785  0.802   1.00 14.17 ? 1    DC  A O2    1 
ATOM   12  N N3    . DC  A 1 1 ? 10.723  -9.121  -0.860  1.00 12.89 ? 1    DC  A N3    1 
ATOM   13  C C4    . DC  A 1 1 ? 10.226  -10.125 -1.574  1.00 11.43 ? 1    DC  A C4    1 
ATOM   14  N N4    . DC  A 1 1 ? 9.903   -10.399 -2.653  1.00 14.05 ? 1    DC  A N4    1 
ATOM   15  C C5    . DC  A 1 1 ? 9.643   -11.143 -0.411  1.00 15.14 ? 1    DC  A C5    1 
ATOM   16  C C6    . DC  A 1 1 ? 9.779   -10.908 0.937   1.00 11.22 ? 1    DC  A C6    1 
ATOM   17  P P     . DG  A 1 2 ? 9.387   -7.736  6.850   1.00 25.45 ? 2    DG  A P     1 
ATOM   18  O OP1   . DG  A 1 2 ? 10.612  -7.274  7.538   1.00 22.64 ? 2    DG  A OP1   1 
ATOM   19  O OP2   . DG  A 1 2 ? 8.429   -8.705  7.366   1.00 23.01 ? 2    DG  A OP2   1 
ATOM   20  O "O5'" . DG  A 1 2 ? 8.450   -6.738  6.028   1.00 20.45 ? 2    DG  A "O5'" 1 
ATOM   21  C "C5'" . DG  A 1 2 ? 9.148   -5.530  5.749   1.00 12.98 ? 2    DG  A "C5'" 1 
ATOM   22  C "C4'" . DG  A 1 2 ? 8.260   -4.577  4.987   1.00 14.41 ? 2    DG  A "C4'" 1 
ATOM   23  O "O4'" . DG  A 1 2 ? 7.719   -5.160  3.791   1.00 16.20 ? 2    DG  A "O4'" 1 
ATOM   24  C "C3'" . DG  A 1 2 ? 7.028   -4.148  5.781   1.00 16.05 ? 2    DG  A "C3'" 1 
ATOM   25  O "O3'" . DG  A 1 2 ? 6.800   -2.765  5.534   1.00 25.21 ? 2    DG  A "O3'" 1 
ATOM   26  C "C2'" . DG  A 1 2 ? 5.910   -5.032  5.289   1.00 17.13 ? 2    DG  A "C2'" 1 
ATOM   27  C "C1'" . DG  A 1 2 ? 6.298   -4.998  3.782   1.00 20.98 ? 2    DG  A "C1'" 1 
ATOM   28  N N9    . DG  A 1 2 ? 5.736   -6.021  2.827   1.00 18.76 ? 2    DG  A N9    1 
ATOM   29  C C8    . DG  A 1 2 ? 5.231   -7.287  3.077   1.00 12.49 ? 2    DG  A C8    1 
ATOM   30  N N7    . DG  A 1 2 ? 4.739   -7.885  2.100   1.00 17.95 ? 2    DG  A N7    1 
ATOM   31  C C5    . DG  A 1 2 ? 4.620   -6.979  1.293   1.00 18.47 ? 2    DG  A C5    1 
ATOM   32  C C6    . DG  A 1 2 ? 4.423   -6.925  -0.092  1.00 10.19 ? 2    DG  A C6    1 
ATOM   33  O O6    . DG  A 1 2 ? 3.857   -7.855  -0.941  1.00 13.31 ? 2    DG  A O6    1 
ATOM   34  N N1    . DG  A 1 2 ? 4.809   -5.896  -1.102  1.00 15.54 ? 2    DG  A N1    1 
ATOM   35  C C2    . DG  A 1 2 ? 5.471   -4.837  -0.536  1.00 13.30 ? 2    DG  A C2    1 
ATOM   36  N N2    . DG  A 1 2 ? 5.766   -3.692  -1.217  1.00 12.33 ? 2    DG  A N2    1 
ATOM   37  N N3    . DG  A 1 2 ? 5.956   -4.688  0.809   1.00 13.71 ? 2    DG  A N3    1 
ATOM   38  C C4    . DG  A 1 2 ? 5.430   -5.881  1.417   1.00 14.22 ? 2    DG  A C4    1 
ATOM   39  P P     . DA  A 1 3 ? 6.376   -1.832  6.751   1.00 25.16 ? 3    DA  A P     1 
ATOM   40  O OP1   . DA  A 1 3 ? 7.664   -1.785  7.434   1.00 28.22 ? 3    DA  A OP1   1 
ATOM   41  O OP2   . DA  A 1 3 ? 5.093   -2.303  7.263   1.00 32.91 ? 3    DA  A OP2   1 
ATOM   42  O "O5'" . DA  A 1 3 ? 6.291   -0.479  5.955   1.00 19.94 ? 3    DA  A "O5'" 1 
ATOM   43  C "C5'" . DA  A 1 3 ? 7.424   0.092   5.285   1.00 21.80 ? 3    DA  A "C5'" 1 
ATOM   44  C "C4'" . DA  A 1 3 ? 6.875   0.757   4.047   1.00 13.78 ? 3    DA  A "C4'" 1 
ATOM   45  O "O4'" . DA  A 1 3 ? 6.372   -0.237  3.118   1.00 18.42 ? 3    DA  A "O4'" 1 
ATOM   46  C "C3'" . DA  A 1 3 ? 5.718   1.699   4.334   1.00 12.73 ? 3    DA  A "C3'" 1 
ATOM   47  O "O3'" . DA  A 1 3 ? 6.031   2.902   3.657   1.00 16.31 ? 3    DA  A "O3'" 1 
ATOM   48  C "C2'" . DA  A 1 3 ? 4.504   1.009   3.810   1.00 14.69 ? 3    DA  A "C2'" 1 
ATOM   49  C "C1'" . DA  A 1 3 ? 5.068   0.116   2.684   1.00 17.92 ? 3    DA  A "C1'" 1 
ATOM   50  N N9    . DA  A 1 3 ? 4.407   -1.194  2.356   1.00 12.91 ? 3    DA  A N9    1 
ATOM   51  C C8    . DA  A 1 3 ? 4.067   -2.202  3.364   1.00 11.24 ? 3    DA  A C8    1 
ATOM   52  N N7    . DA  A 1 3 ? 3.253   -3.108  3.030   1.00 12.68 ? 3    DA  A N7    1 
ATOM   53  C C5    . DA  A 1 3 ? 3.382   -2.684  1.732   1.00 11.69 ? 3    DA  A C5    1 
ATOM   54  C C6    . DA  A 1 3 ? 2.450   -3.429  0.534   1.00 11.68 ? 3    DA  A C6    1 
ATOM   55  N N6    . DA  A 1 3 ? 1.860   -4.696  0.732   1.00 14.23 ? 3    DA  A N6    1 
ATOM   56  N N1    . DA  A 1 3 ? 2.511   -2.735  -0.655  1.00 11.24 ? 3    DA  A N1    1 
ATOM   57  C C2    . DA  A 1 3 ? 3.395   -1.558  -0.713  1.00 14.45 ? 3    DA  A C2    1 
ATOM   58  N N3    . DA  A 1 3 ? 3.840   -0.966  0.270   1.00 13.38 ? 3    DA  A N3    1 
ATOM   59  C C4    . DA  A 1 3 ? 3.733   -1.710  1.334   1.00 12.34 ? 3    DA  A C4    1 
ATOM   60  P P     . DT  A 1 4 ? 5.106   4.207   3.743   1.00 22.89 ? 4    DT  A P     1 
ATOM   61  O OP1   . DT  A 1 4 ? 6.093   5.287   3.628   1.00 22.46 ? 4    DT  A OP1   1 
ATOM   62  O OP2   . DT  A 1 4 ? 4.226   3.757   4.817   1.00 23.35 ? 4    DT  A OP2   1 
ATOM   63  O "O5'" . DT  A 1 4 ? 3.975   3.896   2.649   1.00 17.37 ? 4    DT  A "O5'" 1 
ATOM   64  C "C5'" . DT  A 1 4 ? 4.539   4.178   1.380   1.00 13.01 ? 4    DT  A "C5'" 1 
ATOM   65  C "C4'" . DT  A 1 4 ? 3.470   4.095   0.287   1.00 15.13 ? 4    DT  A "C4'" 1 
ATOM   66  O "O4'" . DT  A 1 4 ? 2.941   2.773   0.256   1.00 14.78 ? 4    DT  A "O4'" 1 
ATOM   67  C "C3'" . DT  A 1 4 ? 2.269   5.028   0.465   1.00 12.89 ? 4    DT  A "C3'" 1 
ATOM   68  O "O3'" . DT  A 1 4 ? 2.158   5.870   -0.675  1.00 16.44 ? 4    DT  A "O3'" 1 
ATOM   69  C "C2'" . DT  A 1 4 ? 1.052   4.156   0.602   1.00 15.33 ? 4    DT  A "C2'" 1 
ATOM   70  C "C1'" . DT  A 1 4 ? 1.533   2.860   -0.032  1.00 15.28 ? 4    DT  A "C1'" 1 
ATOM   71  N N1    . DT  A 1 4 ? 1.151   1.733   0.593   1.00 13.33 ? 4    DT  A N1    1 
ATOM   72  C C2    . DT  A 1 4 ? 0.594   0.687   -0.039  1.00 12.68 ? 4    DT  A C2    1 
ATOM   73  O O2    . DT  A 1 4 ? 0.519   0.827   -1.428  1.00 14.82 ? 4    DT  A O2    1 
ATOM   74  N N3    . DT  A 1 4 ? 0.161   -0.470  0.202   1.00 13.21 ? 4    DT  A N3    1 
ATOM   75  C C4    . DT  A 1 4 ? 0.217   -0.872  1.440   1.00 10.07 ? 4    DT  A C4    1 
ATOM   76  O O4    . DT  A 1 4 ? -0.125  -1.891  1.966   1.00 13.54 ? 4    DT  A O4    1 
ATOM   77  C C5    . DT  A 1 4 ? 0.761   0.210   2.345   1.00 12.25 ? 4    DT  A C5    1 
ATOM   78  C C7    . DT  A 1 4 ? 0.890   -0.205  3.991   1.00 12.90 ? 4    DT  A C7    1 
ATOM   79  C C6    . DT  A 1 4 ? 1.217   1.334   1.818   1.00 12.14 ? 4    DT  A C6    1 
ATOM   80  P P     . DC  A 1 5 ? 1.347   7.262   -0.721  1.00 22.45 ? 5    DC  A P     1 
ATOM   81  O OP1   . DC  A 1 5 ? 1.878   7.910   -1.931  1.00 28.40 ? 5    DC  A OP1   1 
ATOM   82  O OP2   . DC  A 1 5 ? 1.181   7.665   0.653   1.00 18.36 ? 5    DC  A OP2   1 
ATOM   83  O "O5'" . DC  A 1 5 ? -0.135  6.679   -0.992  1.00 19.07 ? 5    DC  A "O5'" 1 
ATOM   84  C "C5'" . DC  A 1 5 ? -0.430  6.258   -2.331  1.00 12.89 ? 5    DC  A "C5'" 1 
ATOM   85  C "C4'" . DC  A 1 5 ? -1.787  5.599   -2.239  1.00 13.34 ? 5    DC  A "C4'" 1 
ATOM   86  O "O4'" . DC  A 1 5 ? -1.684  4.393   -1.445  1.00 14.16 ? 5    DC  A "O4'" 1 
ATOM   87  C "C3'" . DC  A 1 5 ? -2.875  6.407   -1.557  1.00 13.58 ? 5    DC  A "C3'" 1 
ATOM   88  O "O3'" . DC  A 1 5 ? -4.099  6.292   -2.278  1.00 18.36 ? 5    DC  A "O3'" 1 
ATOM   89  C "C2'" . DC  A 1 5 ? -3.040  5.797   -0.207  1.00 15.27 ? 5    DC  A "C2'" 1 
ATOM   90  C "C1'" . DC  A 1 5 ? -2.876  4.315   -0.634  1.00 15.94 ? 5    DC  A "C1'" 1 
ATOM   91  N N1    . DC  A 1 5 ? -2.498  3.503   0.299   1.00 13.74 ? 5    DC  A N1    1 
ATOM   92  C C2    . DC  A 1 5 ? -2.723  2.201   0.491   1.00 14.20 ? 5    DC  A C2    1 
ATOM   93  O O2    . DC  A 1 5 ? -2.867  1.720   -0.880  1.00 13.09 ? 5    DC  A O2    1 
ATOM   94  N N3    . DC  A 1 5 ? -2.858  1.002   1.208   1.00 15.26 ? 5    DC  A N3    1 
ATOM   95  C C4    . DC  A 1 5 ? -2.629  1.482   2.478   1.00 21.53 ? 5    DC  A C4    1 
ATOM   96  N N4    . DC  A 1 5 ? -2.499  0.595   3.473   1.00 12.67 ? 5    DC  A N4    1 
ATOM   97  C C5    . DC  A 1 5 ? -2.170  2.845   2.739   1.00 12.19 ? 5    DC  A C5    1 
ATOM   98  C C6    . DC  A 1 5 ? -2.309  3.693   1.656   1.00 12.45 ? 5    DC  A C6    1 
ATOM   99  P P     . DG  A 1 6 ? -4.676  7.451   -3.219  1.00 25.60 ? 6    DG  A P     1 
ATOM   100 O OP1   . DG  A 1 6 ? -3.717  7.661   -4.318  1.00 25.87 ? 6    DG  A OP1   1 
ATOM   101 O OP2   . DG  A 1 6 ? -5.038  8.412   -2.163  1.00 19.29 ? 6    DG  A OP2   1 
ATOM   102 O "O5'" . DG  A 1 6 ? -5.952  6.695   -3.751  1.00 21.78 ? 6    DG  A "O5'" 1 
ATOM   103 C "C5'" . DG  A 1 6 ? -5.713  5.857   -4.882  1.00 13.35 ? 6    DG  A "C5'" 1 
ATOM   104 C "C4'" . DG  A 1 6 ? -7.067  5.419   -5.411  1.00 17.30 ? 6    DG  A "C4'" 1 
ATOM   105 O "O4'" . DG  A 1 6 ? -7.732  4.571   -4.443  1.00 16.34 ? 6    DG  A "O4'" 1 
ATOM   106 C "C3'" . DG  A 1 6 ? -8.055  6.540   -5.685  1.00 11.02 ? 6    DG  A "C3'" 1 
ATOM   107 O "O3'" . DG  A 1 6 ? -8.869  6.089   -6.759  1.00 18.07 ? 6    DG  A "O3'" 1 
ATOM   108 C "C2'" . DG  A 1 6 ? -8.764  6.722   -4.381  1.00 16.21 ? 6    DG  A "C2'" 1 
ATOM   109 C "C1'" . DG  A 1 6 ? -8.859  5.264   -3.912  1.00 18.23 ? 6    DG  A "C1'" 1 
ATOM   110 N N9    . DG  A 1 6 ? -8.845  5.126   -2.452  1.00 14.24 ? 6    DG  A N9    1 
ATOM   111 C C8    . DG  A 1 6 ? -8.368  6.054   -1.610  1.00 15.24 ? 6    DG  A C8    1 
ATOM   112 N N7    . DG  A 1 6 ? -8.417  5.667   -0.245  1.00 18.95 ? 6    DG  A N7    1 
ATOM   113 C C5    . DG  A 1 6 ? -8.958  4.433   -0.616  1.00 13.93 ? 6    DG  A C5    1 
ATOM   114 C C6    . DG  A 1 6 ? -9.267  3.596   0.324   1.00 11.59 ? 6    DG  A C6    1 
ATOM   115 O O6    . DG  A 1 6 ? -9.040  3.594   1.704   1.00 15.06 ? 6    DG  A O6    1 
ATOM   116 N N1    . DG  A 1 6 ? -9.908  2.365   0.219   1.00 11.57 ? 6    DG  A N1    1 
ATOM   117 C C2    . DG  A 1 6 ? -10.232 2.232   -1.034  1.00 12.92 ? 6    DG  A C2    1 
ATOM   118 N N2    . DG  A 1 6 ? -10.663 1.014   -1.623  1.00 12.10 ? 6    DG  A N2    1 
ATOM   119 N N3    . DG  A 1 6 ? -9.822  3.114   -2.179  1.00 11.55 ? 6    DG  A N3    1 
ATOM   120 C C4    . DG  A 1 6 ? -9.448  4.106   -1.389  1.00 12.38 ? 6    DG  A C4    1 
HETATM 121 C C1    . MAR B 2 . ? -5.960  1.042   4.718   1.00 21.42 ? 7    MAR A C1    1 
HETATM 122 C C2    . MAR B 2 . ? -5.430  2.061   5.515   1.00 21.39 ? 7    MAR A C2    1 
HETATM 123 C C3    . MAR B 2 . ? -5.068  3.289   4.940   1.00 19.98 ? 7    MAR A C3    1 
HETATM 124 C C4    . MAR B 2 . ? -5.334  3.530   3.593   1.00 13.36 ? 7    MAR A C4    1 
HETATM 125 O O4    . MAR B 2 . ? -4.879  4.765   3.079   1.00 19.58 ? 7    MAR A O4    1 
HETATM 126 C C5    . MAR B 2 . ? -5.765  2.473   2.772   1.00 13.89 ? 7    MAR A C5    1 
HETATM 127 C C6    . MAR B 2 . ? -5.971  2.654   1.400   1.00 12.55 ? 7    MAR A C6    1 
HETATM 128 O O6    . MAR B 2 . ? -5.779  3.880   0.830   1.00 16.98 ? 7    MAR A O6    1 
HETATM 129 C C7    . MAR B 2 . ? -6.450  1.617   0.598   1.00 12.45 ? 7    MAR A C7    1 
HETATM 130 C C8    . MAR B 2 . ? -6.700  1.789   -0.767  1.00 13.70 ? 7    MAR A C8    1 
HETATM 131 O O8    . MAR B 2 . ? -6.293  2.919   -1.417  1.00 15.52 ? 7    MAR A O8    1 
HETATM 132 C C9    . MAR B 2 . ? -7.143  0.716   -1.571  1.00 12.23 ? 7    MAR A C9    1 
HETATM 133 C C10   . MAR B 2 . ? -7.069  0.930   -3.044  1.00 15.46 ? 7    MAR A C10   1 
HETATM 134 O O10   . MAR B 2 . ? -5.664  0.994   -3.466  1.00 15.13 ? 7    MAR A O10   1 
HETATM 135 C C11   . MAR B 2 . ? -7.828  -0.101  -3.902  1.00 14.66 ? 7    MAR A C11   1 
HETATM 136 C C12   . MAR B 2 . ? -7.633  -1.516  -3.289  1.00 15.45 ? 7    MAR A C12   1 
HETATM 137 O O12   . MAR B 2 . ? -6.247  -1.929  -3.253  1.00 16.41 ? 7    MAR A O12   1 
HETATM 138 C C13   . MAR B 2 . ? -8.439  -2.472  -4.153  1.00 21.19 ? 7    MAR A C13   1 
HETATM 139 O O13   . MAR B 2 . ? -9.715  -2.692  -3.672  1.00 18.83 ? 7    MAR A O13   1 
HETATM 140 C C14   . MAR B 2 . ? -7.847  -3.027  -5.391  1.00 15.22 ? 7    MAR A C14   1 
HETATM 141 C C15   . MAR B 2 . ? -8.161  -1.515  -1.829  1.00 13.47 ? 7    MAR A C15   1 
HETATM 142 C C16   . MAR B 2 . ? -7.534  -0.475  -0.980  1.00 8.67  ? 7    MAR A C16   1 
HETATM 143 C C17   . MAR B 2 . ? -7.419  -0.594  0.417   1.00 12.73 ? 7    MAR A C17   1 
HETATM 144 O O17   . MAR B 2 . ? -7.848  -1.780  1.041   1.00 16.41 ? 7    MAR A O17   1 
HETATM 145 C C18   . MAR B 2 . ? -6.830  0.418   1.180   1.00 10.59 ? 7    MAR A C18   1 
HETATM 146 C C19   . MAR B 2 . ? -6.666  0.246   2.565   1.00 17.17 ? 7    MAR A C19   1 
HETATM 147 O O19   . MAR B 2 . ? -7.247  -0.800  3.139   1.00 19.94 ? 7    MAR A O19   1 
HETATM 148 C C20   . MAR B 2 . ? -6.163  1.291   3.348   1.00 14.11 ? 7    MAR A C20   1 
HETATM 149 C C21   . MAR B 2 . ? -4.299  5.931   3.796   1.00 23.64 ? 7    MAR A C21   1 
HETATM 150 C "C1'" . MAR B 2 . ? -5.227  1.790   -4.551  1.00 15.43 ? 7    MAR A "C1'" 1 
HETATM 151 C "C2'" . MAR B 2 . ? -3.867  2.515   -4.269  1.00 18.00 ? 7    MAR A "C2'" 1 
HETATM 152 C "C3'" . MAR B 2 . ? -2.800  1.422   -4.042  1.00 21.37 ? 7    MAR A "C3'" 1 
HETATM 153 N "N3'" . MAR B 2 . ? -1.423  2.024   -3.695  1.00 18.97 ? 7    MAR A "N3'" 1 
HETATM 154 C "C4'" . MAR B 2 . ? -2.725  0.506   -5.270  1.00 12.39 ? 7    MAR A "C4'" 1 
HETATM 155 O "O4'" . MAR B 2 . ? -2.311  1.376   -6.351  1.00 25.00 ? 7    MAR A "O4'" 1 
HETATM 156 C "C5'" . MAR B 2 . ? -4.117  -0.084  -5.618  1.00 18.00 ? 7    MAR A "C5'" 1 
HETATM 157 O "O5'" . MAR B 2 . ? -5.082  0.993   -5.792  1.00 18.48 ? 7    MAR A "O5'" 1 
HETATM 158 C "C6'" . MAR B 2 . ? -4.130  -0.951  -6.896  1.00 26.57 ? 7    MAR A "C6'" 1 
HETATM 159 C CB1   . MAR B 2 . ? -1.445  0.895   -7.350  1.00 46.94 ? 7    MAR A CB1   1 
HETATM 160 C CB2   . MAR B 2 . ? -1.719  1.411   -8.776  1.00 58.59 ? 7    MAR A CB2   1 
HETATM 161 C CB3   . MAR B 2 . ? -1.124  2.833   -8.849  1.00 62.75 ? 7    MAR A CB3   1 
HETATM 162 O OB3   . MAR B 2 . ? -1.441  3.444   -10.168 1.00 53.65 ? 7    MAR A OB3   1 
HETATM 163 C CB4   . MAR B 2 . ? 0.384   2.830   -8.554  1.00 58.37 ? 7    MAR A CB4   1 
HETATM 164 O OB4   . MAR B 2 . ? 0.898   4.197   -8.502  1.00 81.98 ? 7    MAR A OB4   1 
HETATM 165 C CB5   . MAR B 2 . ? 0.769   1.992   -7.323  1.00 50.13 ? 7    MAR A CB5   1 
HETATM 166 O OB5   . MAR B 2 . ? -0.031  0.858   -7.079  1.00 43.19 ? 7    MAR A OB5   1 
HETATM 167 C CB6   . MAR B 2 . ? 2.264   1.551   -7.338  1.00 52.56 ? 7    MAR A CB6   1 
HETATM 168 O O     . HOH C 3 . ? 0.619   0.149   -4.620  1.00 34.10 ? 2001 HOH A O     1 
HETATM 169 O O     . HOH C 3 . ? -0.687  4.193   -5.357  1.00 29.56 ? 2002 HOH A O     1 
HETATM 170 O O     . HOH C 3 . ? -6.678  6.481   1.529   1.00 23.35 ? 2003 HOH A O     1 
HETATM 171 O O     . HOH C 3 . ? 8.203   -13.564 -3.661  1.00 49.31 ? 2004 HOH A O     1 
HETATM 172 O O     . HOH C 3 . ? -1.484  -3.598  4.098   1.00 52.03 ? 2005 HOH A O     1 
HETATM 173 O O     . HOH C 3 . ? -1.858  1.321   6.024   1.00 33.83 ? 2006 HOH A O     1 
HETATM 174 O O     . HOH C 3 . ? 2.475   -5.268  4.496   1.00 39.04 ? 2007 HOH A O     1 
HETATM 175 O O     . HOH C 3 . ? -0.844  6.918   2.222   1.00 28.18 ? 2008 HOH A O     1 
HETATM 176 O O     . HOH C 3 . ? -5.801  2.363   -7.676  1.00 47.80 ? 2009 HOH A O     1 
HETATM 177 O O     . HOH C 3 . ? 12.284  -6.269  2.880   1.00 32.23 ? 2010 HOH A O     1 
HETATM 178 O O     . HOH C 3 . ? 15.098  -7.026  2.166   1.00 42.12 ? 2011 HOH A O     1 
HETATM 179 O O     . HOH C 3 . ? -8.761  4.932   3.534   1.00 41.69 ? 2012 HOH A O     1 
HETATM 180 O O     . HOH C 3 . ? -10.303 2.151   -5.116  1.00 36.48 ? 2013 HOH A O     1 
HETATM 181 O O     . HOH C 3 . ? 1.468   3.521   4.642   1.00 38.79 ? 2014 HOH A O     1 
HETATM 182 O O     . HOH C 3 . ? -2.657  5.549   -7.083  1.00 59.78 ? 2015 HOH A O     1 
HETATM 183 O O     . HOH C 3 . ? -1.610  10.506  -2.563  1.00 47.56 ? 2016 HOH A O     1 
HETATM 184 O O     . HOH C 3 . ? -7.624  9.813   -1.675  1.00 78.88 ? 2017 HOH A O     1 
HETATM 185 O O     . HOH C 3 . ? 1.079   -7.001  3.076   1.00 89.61 ? 2018 HOH A O     1 
HETATM 186 O O     . HOH C 3 . ? -10.276 3.753   -7.726  1.00 92.19 ? 2019 HOH A O     1 
HETATM 187 O O     . HOH C 3 . ? -1.376  9.306   -5.251  1.00 59.22 ? 2020 HOH A O     1 
HETATM 188 O O     . HOH C 3 . ? 8.731   -12.173 -5.398  1.00 65.50 ? 2021 HOH A O     1 
# 
